data_6XK1
#
_entry.id   6XK1
#
_cell.length_a   62.100
_cell.length_b   104.400
_cell.length_c   135.300
_cell.angle_alpha   90.000
_cell.angle_beta   90.000
_cell.angle_gamma   90.000
#
_symmetry.space_group_name_H-M   'P 21 21 21'
#
loop_
_entity.id
_entity.type
_entity.pdbx_description
1 polymer 'Biuret hydrolase'
2 water water
#
_entity_poly.entity_id   1
_entity_poly.type   'polypeptide(L)'
_entity_poly.pdbx_seq_one_letter_code
;GSHMIYSTVNANPYAWPYDGSIDPAHTALILIDWQIDFCGPGGYVDSMGYDLSLTRSGLEPTARVLAAARDTGMTVIHTR
EGHRPDLADLPPNKRWRSASAGAEIGSVGPCGRILVRGEPGWEIVPEVAPREGEPIIDKPGKGAFYATDLDLLLRTRGIT
HLILTGITTDVSVHTTMREANDRGYECLILSDCTGATDRKHHEAALSMVTMQGGVFGATAHSDDLLAALGTTVPAAAGPR
ARTE
;
_entity_poly.pdbx_strand_id   A,B,C,D
#
# COMPACT_ATOMS: atom_id res chain seq x y z
N ILE A 5 -15.63 29.69 -1.65
CA ILE A 5 -14.15 29.60 -1.39
C ILE A 5 -13.80 30.50 -0.19
N TYR A 6 -13.02 30.00 0.76
CA TYR A 6 -12.70 30.70 2.03
C TYR A 6 -11.23 31.09 2.08
N SER A 7 -10.92 32.05 2.95
CA SER A 7 -9.57 32.60 3.15
C SER A 7 -8.73 31.61 3.97
N THR A 8 -7.49 31.96 4.25
CA THR A 8 -6.56 31.19 5.10
C THR A 8 -6.98 31.29 6.57
N VAL A 9 -6.53 30.31 7.35
CA VAL A 9 -6.62 30.22 8.83
C VAL A 9 -5.33 30.79 9.43
N ASN A 10 -5.48 31.65 10.45
CA ASN A 10 -4.32 32.16 11.23
C ASN A 10 -3.78 30.97 12.04
N ALA A 11 -2.72 30.33 11.59
CA ALA A 11 -2.24 29.04 12.10
C ALA A 11 -0.73 29.10 12.36
N ASN A 12 -0.21 28.05 12.97
CA ASN A 12 1.22 27.96 13.36
C ASN A 12 1.84 26.81 12.57
N PRO A 13 2.89 27.02 11.71
CA PRO A 13 3.66 28.27 11.64
C PRO A 13 3.43 29.16 10.42
N TYR A 14 2.40 28.89 9.63
CA TYR A 14 2.06 29.62 8.39
C TYR A 14 0.54 29.78 8.27
N ALA A 15 0.10 30.79 7.53
CA ALA A 15 -1.34 30.95 7.21
C ALA A 15 -1.78 29.77 6.34
N TRP A 16 -2.68 28.92 6.86
CA TRP A 16 -3.02 27.61 6.25
C TRP A 16 -4.25 27.75 5.38
N PRO A 17 -4.36 27.09 4.20
CA PRO A 17 -3.31 26.22 3.65
C PRO A 17 -2.24 26.91 2.77
N TYR A 18 -1.18 26.18 2.40
CA TYR A 18 -0.01 26.73 1.65
C TYR A 18 -0.45 27.38 0.32
N ASP A 19 -1.54 26.92 -0.30
CA ASP A 19 -1.98 27.35 -1.65
C ASP A 19 -2.96 28.52 -1.53
N GLY A 20 -3.29 28.99 -0.33
CA GLY A 20 -3.87 30.34 -0.13
C GLY A 20 -5.39 30.39 0.01
N SER A 21 -6.12 29.29 -0.09
CA SER A 21 -7.60 29.28 0.07
C SER A 21 -8.11 27.88 0.40
N ILE A 22 -9.31 27.82 0.96
CA ILE A 22 -10.03 26.58 1.36
C ILE A 22 -11.24 26.39 0.45
N ASP A 23 -11.23 25.32 -0.32
CA ASP A 23 -12.33 24.93 -1.23
C ASP A 23 -13.02 23.71 -0.62
N PRO A 24 -14.29 23.83 -0.17
CA PRO A 24 -15.01 22.69 0.40
C PRO A 24 -15.07 21.46 -0.51
N ALA A 25 -15.05 21.65 -1.83
CA ALA A 25 -15.11 20.56 -2.82
C ALA A 25 -13.81 19.73 -2.75
N HIS A 26 -12.75 20.22 -2.14
CA HIS A 26 -11.43 19.52 -2.10
C HIS A 26 -10.95 19.35 -0.66
N THR A 27 -11.80 19.56 0.34
CA THR A 27 -11.42 19.57 1.77
C THR A 27 -12.30 18.60 2.56
N ALA A 28 -11.71 17.83 3.47
CA ALA A 28 -12.45 16.90 4.36
C ALA A 28 -12.08 17.19 5.81
N LEU A 29 -13.08 17.18 6.67
CA LEU A 29 -12.92 17.14 8.13
C LEU A 29 -12.87 15.66 8.53
N ILE A 30 -11.83 15.27 9.28
CA ILE A 30 -11.70 13.87 9.81
C ILE A 30 -11.91 13.90 11.32
N LEU A 31 -12.85 13.10 11.82
CA LEU A 31 -13.12 12.92 13.26
C LEU A 31 -12.58 11.56 13.70
N ILE A 32 -11.49 11.54 14.47
CA ILE A 32 -10.74 10.30 14.78
C ILE A 32 -11.09 9.77 16.18
N ASP A 33 -11.77 8.62 16.20
CA ASP A 33 -11.89 7.71 17.37
C ASP A 33 -12.58 8.37 18.58
N TRP A 34 -13.64 9.16 18.36
CA TRP A 34 -14.50 9.67 19.45
C TRP A 34 -15.41 8.56 19.96
N GLN A 35 -14.83 7.60 20.67
CA GLN A 35 -15.48 6.33 21.12
C GLN A 35 -15.36 6.26 22.65
N ILE A 36 -16.29 5.57 23.34
CA ILE A 36 -16.15 5.38 24.83
C ILE A 36 -14.80 4.73 25.14
N ASP A 37 -14.31 3.84 24.28
CA ASP A 37 -13.02 3.15 24.54
C ASP A 37 -11.90 4.19 24.73
N PHE A 38 -11.95 5.38 24.12
CA PHE A 38 -10.87 6.40 24.26
C PHE A 38 -11.28 7.54 25.19
N CYS A 39 -12.57 7.81 25.44
CA CYS A 39 -12.96 9.03 26.19
C CYS A 39 -14.10 8.84 27.19
N GLY A 40 -14.56 7.62 27.46
CA GLY A 40 -15.74 7.41 28.31
C GLY A 40 -15.49 6.45 29.47
N PRO A 41 -16.30 6.58 30.54
CA PRO A 41 -16.23 5.64 31.67
C PRO A 41 -16.49 4.19 31.25
N GLY A 42 -15.65 3.26 31.71
CA GLY A 42 -15.80 1.80 31.57
C GLY A 42 -15.05 1.28 30.34
N GLY A 43 -14.48 2.14 29.49
CA GLY A 43 -13.77 1.67 28.28
C GLY A 43 -12.28 1.38 28.50
N TYR A 44 -11.57 1.11 27.40
CA TYR A 44 -10.12 0.81 27.30
C TYR A 44 -9.28 1.82 28.11
N VAL A 45 -9.36 3.12 27.78
CA VAL A 45 -8.48 4.15 28.40
C VAL A 45 -8.80 4.29 29.90
N ASP A 46 -10.08 4.25 30.29
CA ASP A 46 -10.48 4.30 31.72
C ASP A 46 -9.94 3.05 32.44
N SER A 47 -10.06 1.86 31.84
CA SER A 47 -9.60 0.61 32.45
C SER A 47 -8.08 0.61 32.67
N MET A 48 -7.31 1.38 31.88
CA MET A 48 -5.84 1.49 32.05
C MET A 48 -5.50 2.50 33.14
N GLY A 49 -6.47 3.33 33.55
CA GLY A 49 -6.31 4.24 34.71
C GLY A 49 -5.90 5.66 34.33
N TYR A 50 -6.06 6.04 33.06
CA TYR A 50 -5.75 7.41 32.57
C TYR A 50 -6.92 8.35 32.91
N ASP A 51 -6.63 9.66 32.93
CA ASP A 51 -7.57 10.75 33.27
C ASP A 51 -8.43 11.10 32.04
N LEU A 52 -9.70 10.68 32.05
CA LEU A 52 -10.64 10.91 30.91
C LEU A 52 -10.87 12.40 30.67
N SER A 53 -10.71 13.31 31.66
CA SER A 53 -10.96 14.75 31.40
C SER A 53 -9.96 15.27 30.35
N LEU A 54 -8.79 14.64 30.20
CA LEU A 54 -7.78 15.07 29.19
C LEU A 54 -8.29 14.72 27.78
N THR A 55 -8.98 13.58 27.60
CA THR A 55 -9.46 13.12 26.26
C THR A 55 -10.85 13.72 25.95
N ARG A 56 -11.69 14.01 26.95
CA ARG A 56 -13.07 14.50 26.76
C ARG A 56 -13.13 16.01 26.49
N SER A 57 -12.11 16.79 26.85
CA SER A 57 -12.20 18.28 26.74
C SER A 57 -12.38 18.72 25.28
N GLY A 58 -11.98 17.90 24.31
CA GLY A 58 -12.08 18.20 22.87
C GLY A 58 -13.44 17.88 22.26
N LEU A 59 -14.35 17.26 23.02
CA LEU A 59 -15.65 16.76 22.47
C LEU A 59 -16.54 17.93 22.02
N GLU A 60 -16.83 18.89 22.90
CA GLU A 60 -17.78 19.99 22.57
C GLU A 60 -17.17 20.91 21.51
N PRO A 61 -15.87 21.27 21.55
CA PRO A 61 -15.26 22.02 20.45
C PRO A 61 -15.37 21.28 19.11
N THR A 62 -15.20 19.97 19.12
CA THR A 62 -15.31 19.14 17.89
C THR A 62 -16.73 19.25 17.35
N ALA A 63 -17.75 19.17 18.21
CA ALA A 63 -19.16 19.28 17.75
C ALA A 63 -19.39 20.63 17.04
N ARG A 64 -18.82 21.74 17.52
CA ARG A 64 -18.96 23.06 16.88
C ARG A 64 -18.26 23.05 15.52
N VAL A 65 -17.10 22.41 15.39
CA VAL A 65 -16.36 22.32 14.09
C VAL A 65 -17.14 21.44 13.11
N LEU A 66 -17.70 20.34 13.59
CA LEU A 66 -18.52 19.39 12.77
C LEU A 66 -19.70 20.17 12.18
N ALA A 67 -20.38 20.98 13.00
CA ALA A 67 -21.53 21.82 12.54
C ALA A 67 -21.07 22.79 11.45
N ALA A 68 -19.90 23.42 11.59
CA ALA A 68 -19.35 24.38 10.59
C ALA A 68 -19.02 23.66 9.28
N ALA A 69 -18.43 22.46 9.37
CA ALA A 69 -18.07 21.68 8.18
C ALA A 69 -19.34 21.30 7.40
N ARG A 70 -20.38 20.89 8.12
CA ARG A 70 -21.69 20.51 7.52
C ARG A 70 -22.30 21.73 6.82
N ASP A 71 -22.22 22.92 7.44
CA ASP A 71 -22.82 24.16 6.87
C ASP A 71 -22.11 24.57 5.57
N THR A 72 -20.80 24.31 5.45
CA THR A 72 -19.98 24.75 4.29
C THR A 72 -20.00 23.69 3.18
N GLY A 73 -20.52 22.47 3.43
CA GLY A 73 -20.63 21.42 2.41
C GLY A 73 -19.30 20.70 2.19
N MET A 74 -18.37 20.75 3.13
CA MET A 74 -17.10 19.98 2.99
C MET A 74 -17.38 18.50 3.23
N THR A 75 -16.51 17.62 2.75
CA THR A 75 -16.53 16.18 3.08
C THR A 75 -16.33 16.01 4.59
N VAL A 76 -17.06 15.05 5.20
CA VAL A 76 -16.87 14.65 6.62
C VAL A 76 -16.67 13.13 6.67
N ILE A 77 -15.53 12.72 7.26
CA ILE A 77 -15.20 11.28 7.44
C ILE A 77 -14.95 11.05 8.93
N HIS A 78 -15.48 9.95 9.47
CA HIS A 78 -15.30 9.54 10.88
C HIS A 78 -14.44 8.27 10.92
N THR A 79 -13.66 8.06 12.01
CA THR A 79 -12.92 6.78 12.18
C THR A 79 -13.27 6.14 13.52
N ARG A 80 -13.24 4.82 13.56
CA ARG A 80 -13.36 3.99 14.76
C ARG A 80 -12.20 3.00 14.77
N GLU A 81 -11.41 2.98 15.83
CA GLU A 81 -10.39 1.92 15.99
C GLU A 81 -11.11 0.70 16.53
N GLY A 82 -10.81 -0.48 15.96
CA GLY A 82 -11.50 -1.69 16.40
C GLY A 82 -11.10 -2.89 15.62
N HIS A 83 -11.50 -4.07 16.11
CA HIS A 83 -11.09 -5.36 15.54
C HIS A 83 -12.31 -6.19 15.14
N ARG A 84 -12.16 -6.95 14.06
CA ARG A 84 -13.09 -8.06 13.70
C ARG A 84 -13.34 -8.88 14.97
N PRO A 85 -14.59 -9.26 15.29
CA PRO A 85 -14.85 -10.06 16.49
C PRO A 85 -14.06 -11.38 16.58
N ASP A 86 -13.63 -11.98 15.46
CA ASP A 86 -12.73 -13.18 15.43
C ASP A 86 -11.26 -12.80 15.70
N LEU A 87 -10.92 -11.51 15.83
CA LEU A 87 -9.55 -10.98 16.13
C LEU A 87 -8.54 -11.38 15.04
N ALA A 88 -8.96 -11.61 13.79
CA ALA A 88 -8.04 -12.00 12.69
C ALA A 88 -7.12 -10.84 12.31
N ASP A 89 -7.49 -9.60 12.65
CA ASP A 89 -6.72 -8.37 12.34
C ASP A 89 -5.98 -7.84 13.58
N LEU A 90 -5.77 -8.67 14.62
CA LEU A 90 -5.12 -8.23 15.88
C LEU A 90 -3.70 -8.79 15.99
N PRO A 91 -2.64 -7.98 15.80
CA PRO A 91 -1.28 -8.49 15.98
C PRO A 91 -1.05 -8.92 17.43
N PRO A 92 -0.31 -10.03 17.65
CA PRO A 92 -0.09 -10.52 19.02
C PRO A 92 0.64 -9.51 19.92
N ASN A 93 1.52 -8.66 19.39
CA ASN A 93 2.19 -7.63 20.23
C ASN A 93 1.16 -6.61 20.75
N LYS A 94 0.25 -6.12 19.90
CA LYS A 94 -0.79 -5.16 20.31
C LYS A 94 -1.62 -5.78 21.43
N ARG A 95 -2.01 -7.04 21.27
CA ARG A 95 -2.84 -7.75 22.27
C ARG A 95 -2.06 -7.84 23.59
N TRP A 96 -0.81 -8.30 23.55
CA TRP A 96 0.03 -8.55 24.75
C TRP A 96 0.19 -7.25 25.55
N ARG A 97 0.44 -6.12 24.89
CA ARG A 97 0.63 -4.82 25.58
C ARG A 97 -0.68 -4.40 26.26
N SER A 98 -1.81 -4.60 25.58
CA SER A 98 -3.14 -4.21 26.15
C SER A 98 -3.39 -5.06 27.42
N ALA A 99 -3.02 -6.34 27.44
CA ALA A 99 -3.16 -7.21 28.64
C ALA A 99 -2.24 -6.72 29.74
N SER A 100 -1.01 -6.34 29.39
CA SER A 100 0.03 -5.84 30.34
C SER A 100 -0.52 -4.59 31.04
N ALA A 101 -1.27 -3.76 30.32
CA ALA A 101 -1.80 -2.48 30.84
C ALA A 101 -3.10 -2.67 31.61
N GLY A 102 -3.63 -3.90 31.69
CA GLY A 102 -4.80 -4.27 32.50
C GLY A 102 -6.11 -4.10 31.76
N ALA A 103 -6.09 -4.08 30.42
CA ALA A 103 -7.29 -3.82 29.60
C ALA A 103 -7.13 -4.56 28.25
N GLU A 104 -7.07 -5.89 28.30
CA GLU A 104 -6.81 -6.73 27.08
C GLU A 104 -7.90 -6.49 26.03
N ILE A 105 -7.48 -6.17 24.81
CA ILE A 105 -8.39 -6.15 23.63
C ILE A 105 -9.16 -7.48 23.55
N GLY A 106 -10.48 -7.39 23.42
CA GLY A 106 -11.38 -8.55 23.33
C GLY A 106 -11.94 -8.99 24.70
N SER A 107 -11.37 -8.54 25.80
CA SER A 107 -11.85 -8.88 27.17
C SER A 107 -13.11 -8.05 27.53
N VAL A 108 -14.01 -8.60 28.35
CA VAL A 108 -15.32 -7.95 28.64
C VAL A 108 -15.17 -7.03 29.85
N GLY A 109 -15.62 -5.79 29.68
CA GLY A 109 -15.77 -4.78 30.72
C GLY A 109 -17.20 -4.25 30.78
N PRO A 110 -17.40 -3.14 31.51
CA PRO A 110 -18.70 -2.48 31.58
C PRO A 110 -19.31 -2.09 30.22
N CYS A 111 -18.48 -1.93 29.17
CA CYS A 111 -18.96 -1.48 27.83
C CYS A 111 -18.74 -2.59 26.79
N GLY A 112 -18.73 -3.86 27.20
CA GLY A 112 -18.56 -5.03 26.31
C GLY A 112 -17.10 -5.35 26.04
N ARG A 113 -16.82 -6.03 24.93
CA ARG A 113 -15.45 -6.47 24.60
C ARG A 113 -14.65 -5.24 24.12
N ILE A 114 -13.51 -4.98 24.75
CA ILE A 114 -12.61 -3.82 24.49
C ILE A 114 -12.16 -3.84 23.02
N LEU A 115 -12.44 -2.74 22.32
CA LEU A 115 -11.99 -2.40 20.93
C LEU A 115 -12.44 -3.49 19.95
N VAL A 116 -13.62 -4.07 20.17
CA VAL A 116 -14.21 -5.05 19.22
C VAL A 116 -15.38 -4.40 18.49
N ARG A 117 -15.40 -4.54 17.16
CA ARG A 117 -16.46 -3.93 16.33
C ARG A 117 -17.84 -4.47 16.78
N GLY A 118 -18.80 -3.59 16.90
CA GLY A 118 -20.20 -3.88 17.28
C GLY A 118 -20.48 -3.74 18.77
N GLU A 119 -19.46 -3.49 19.60
CA GLU A 119 -19.60 -3.41 21.08
C GLU A 119 -19.96 -1.98 21.49
N PRO A 120 -20.67 -1.79 22.62
CA PRO A 120 -21.02 -0.43 23.08
C PRO A 120 -19.86 0.55 23.26
N GLY A 121 -18.71 0.10 23.77
CA GLY A 121 -17.53 0.96 24.02
C GLY A 121 -16.89 1.42 22.72
N TRP A 122 -17.15 0.72 21.63
CA TRP A 122 -16.57 0.97 20.28
C TRP A 122 -17.40 1.99 19.50
N GLU A 123 -18.67 2.20 19.84
CA GLU A 123 -19.54 3.14 19.07
C GLU A 123 -19.01 4.56 19.18
N ILE A 124 -19.28 5.36 18.15
CA ILE A 124 -19.04 6.82 18.17
C ILE A 124 -20.00 7.44 19.18
N VAL A 125 -19.49 8.32 20.04
CA VAL A 125 -20.33 8.94 21.11
C VAL A 125 -21.34 9.89 20.46
N PRO A 126 -22.53 10.06 21.06
CA PRO A 126 -23.58 10.87 20.41
C PRO A 126 -23.29 12.37 20.21
N GLU A 127 -22.43 12.98 21.01
CA GLU A 127 -22.07 14.42 20.92
C GLU A 127 -21.52 14.73 19.51
N VAL A 128 -20.92 13.75 18.83
CA VAL A 128 -20.35 13.91 17.45
C VAL A 128 -20.86 12.80 16.53
N ALA A 129 -22.11 12.39 16.66
CA ALA A 129 -22.74 11.31 15.87
C ALA A 129 -22.66 11.60 14.38
N PRO A 130 -22.30 10.60 13.56
CA PRO A 130 -22.33 10.74 12.10
C PRO A 130 -23.75 10.88 11.56
N ARG A 131 -23.85 11.41 10.36
CA ARG A 131 -25.12 11.46 9.60
C ARG A 131 -24.89 10.80 8.23
N GLU A 132 -26.00 10.55 7.53
CA GLU A 132 -25.92 9.98 6.17
C GLU A 132 -25.04 10.84 5.27
N GLY A 133 -24.19 10.20 4.47
CA GLY A 133 -23.27 10.86 3.53
C GLY A 133 -21.91 11.15 4.15
N GLU A 134 -21.64 10.66 5.36
CA GLU A 134 -20.35 10.89 6.08
C GLU A 134 -19.71 9.54 6.31
N PRO A 135 -18.82 9.04 5.42
CA PRO A 135 -18.31 7.67 5.55
C PRO A 135 -17.56 7.44 6.87
N ILE A 136 -17.71 6.24 7.43
CA ILE A 136 -16.99 5.77 8.63
C ILE A 136 -15.91 4.75 8.22
N ILE A 137 -14.68 5.02 8.68
CA ILE A 137 -13.49 4.13 8.51
C ILE A 137 -13.37 3.23 9.76
N ASP A 138 -13.31 1.91 9.53
CA ASP A 138 -12.99 0.93 10.60
C ASP A 138 -11.52 0.53 10.49
N LYS A 139 -10.66 1.03 11.39
CA LYS A 139 -9.20 0.82 11.30
C LYS A 139 -8.71 -0.13 12.38
N PRO A 140 -7.88 -1.15 12.05
CA PRO A 140 -7.30 -2.04 13.05
C PRO A 140 -6.00 -1.51 13.68
N GLY A 141 -5.47 -0.43 13.11
CA GLY A 141 -4.24 0.23 13.59
C GLY A 141 -4.47 1.65 14.06
N LYS A 142 -3.38 2.35 14.39
CA LYS A 142 -3.43 3.73 14.87
C LYS A 142 -3.63 4.68 13.67
N GLY A 143 -2.94 4.46 12.55
CA GLY A 143 -3.10 5.25 11.33
C GLY A 143 -4.34 4.84 10.57
N ALA A 144 -5.15 5.81 10.11
CA ALA A 144 -6.45 5.53 9.45
C ALA A 144 -6.25 5.02 8.02
N PHE A 145 -5.07 5.15 7.42
CA PHE A 145 -4.85 4.67 6.02
C PHE A 145 -4.57 3.16 5.99
N TYR A 146 -3.83 2.60 6.96
CA TYR A 146 -3.31 1.22 6.85
C TYR A 146 -4.45 0.20 6.97
N ALA A 147 -4.57 -0.71 5.99
CA ALA A 147 -5.53 -1.85 5.99
C ALA A 147 -6.97 -1.34 5.90
N THR A 148 -7.18 -0.12 5.34
CA THR A 148 -8.53 0.46 5.12
C THR A 148 -8.71 0.91 3.66
N ASP A 149 -9.90 1.44 3.36
CA ASP A 149 -10.23 2.05 2.05
C ASP A 149 -10.20 3.58 2.15
N LEU A 150 -9.57 4.19 3.15
CA LEU A 150 -9.62 5.67 3.30
C LEU A 150 -9.03 6.36 2.06
N ASP A 151 -7.86 5.94 1.59
CA ASP A 151 -7.22 6.62 0.44
C ASP A 151 -8.14 6.51 -0.78
N LEU A 152 -8.80 5.37 -1.02
CA LEU A 152 -9.76 5.24 -2.14
C LEU A 152 -10.92 6.24 -1.95
N LEU A 153 -11.47 6.40 -0.75
CA LEU A 153 -12.63 7.32 -0.53
C LEU A 153 -12.16 8.78 -0.85
N LEU A 154 -10.98 9.17 -0.37
CA LEU A 154 -10.46 10.55 -0.53
C LEU A 154 -10.17 10.82 -2.01
N ARG A 155 -9.51 9.90 -2.72
CA ARG A 155 -9.08 10.15 -4.12
C ARG A 155 -10.34 10.18 -5.00
N THR A 156 -11.35 9.35 -4.72
CA THR A 156 -12.59 9.31 -5.52
C THR A 156 -13.32 10.67 -5.41
N ARG A 157 -13.28 11.32 -4.25
CA ARG A 157 -13.94 12.63 -4.00
C ARG A 157 -13.04 13.82 -4.43
N GLY A 158 -11.80 13.60 -4.85
CA GLY A 158 -10.86 14.68 -5.22
C GLY A 158 -10.38 15.49 -4.01
N ILE A 159 -10.29 14.87 -2.83
CA ILE A 159 -9.82 15.58 -1.61
C ILE A 159 -8.30 15.80 -1.68
N THR A 160 -7.85 17.02 -1.41
CA THR A 160 -6.41 17.41 -1.33
C THR A 160 -6.03 17.95 0.06
N HIS A 161 -6.99 18.41 0.85
CA HIS A 161 -6.80 19.10 2.15
C HIS A 161 -7.56 18.38 3.27
N LEU A 162 -6.97 18.22 4.44
CA LEU A 162 -7.61 17.52 5.58
C LEU A 162 -7.54 18.45 6.80
N ILE A 163 -8.62 18.48 7.58
CA ILE A 163 -8.69 19.14 8.92
C ILE A 163 -8.88 18.03 9.95
N LEU A 164 -7.98 17.91 10.92
CA LEU A 164 -7.96 16.74 11.83
C LEU A 164 -8.44 17.12 13.24
N THR A 165 -9.37 16.33 13.76
CA THR A 165 -9.87 16.34 15.14
C THR A 165 -9.88 14.92 15.68
N GLY A 166 -10.00 14.76 17.00
CA GLY A 166 -10.11 13.44 17.63
C GLY A 166 -8.96 13.10 18.53
N ILE A 167 -8.88 11.82 18.90
CA ILE A 167 -8.02 11.38 20.02
C ILE A 167 -7.34 10.06 19.68
N THR A 168 -6.10 9.87 20.20
CA THR A 168 -5.35 10.85 20.97
C THR A 168 -4.38 11.62 20.05
N THR A 169 -3.96 12.81 20.48
CA THR A 169 -3.16 13.74 19.67
C THR A 169 -1.88 13.04 19.20
N ASP A 170 -1.24 12.34 20.11
CA ASP A 170 0.11 11.77 19.92
C ASP A 170 0.05 10.37 19.29
N VAL A 171 -1.09 9.69 19.31
CA VAL A 171 -1.17 8.29 18.78
C VAL A 171 -1.99 8.27 17.47
N SER A 172 -3.29 8.05 17.49
CA SER A 172 -4.09 7.87 16.24
C SER A 172 -4.08 9.15 15.39
N VAL A 173 -4.24 10.34 15.99
CA VAL A 173 -4.32 11.59 15.19
C VAL A 173 -2.96 11.83 14.52
N HIS A 174 -1.87 11.82 15.28
CA HIS A 174 -0.52 12.05 14.71
C HIS A 174 -0.20 11.00 13.63
N THR A 175 -0.48 9.72 13.87
CA THR A 175 -0.12 8.66 12.87
C THR A 175 -0.87 8.97 11.56
N THR A 176 -2.16 9.29 11.63
CA THR A 176 -3.00 9.62 10.45
C THR A 176 -2.44 10.86 9.73
N MET A 177 -2.05 11.89 10.48
CA MET A 177 -1.50 13.13 9.88
C MET A 177 -0.20 12.80 9.14
N ARG A 178 0.68 12.00 9.76
CA ARG A 178 2.00 11.64 9.15
C ARG A 178 1.76 10.85 7.85
N GLU A 179 0.84 9.88 7.86
CA GLU A 179 0.48 9.03 6.68
C GLU A 179 -0.03 9.95 5.55
N ALA A 180 -0.98 10.85 5.84
CA ALA A 180 -1.59 11.74 4.84
C ALA A 180 -0.52 12.69 4.27
N ASN A 181 0.30 13.27 5.12
CA ASN A 181 1.35 14.24 4.72
C ASN A 181 2.34 13.59 3.74
N ASP A 182 2.72 12.32 3.96
CA ASP A 182 3.73 11.66 3.07
C ASP A 182 3.13 11.51 1.67
N ARG A 183 1.80 11.38 1.55
CA ARG A 183 1.09 11.20 0.26
C ARG A 183 0.90 12.57 -0.44
N GLY A 184 1.17 13.67 0.27
CA GLY A 184 1.03 15.03 -0.24
C GLY A 184 -0.26 15.73 0.14
N TYR A 185 -1.11 15.13 1.00
CA TYR A 185 -2.28 15.85 1.57
C TYR A 185 -1.76 17.03 2.42
N GLU A 186 -2.50 18.14 2.38
CA GLU A 186 -2.21 19.37 3.14
C GLU A 186 -3.12 19.36 4.37
N CYS A 187 -2.52 19.26 5.57
CA CYS A 187 -3.23 18.94 6.83
C CYS A 187 -3.15 20.06 7.87
N LEU A 188 -4.27 20.30 8.55
CA LEU A 188 -4.38 21.22 9.72
C LEU A 188 -4.82 20.37 10.92
N ILE A 189 -4.19 20.54 12.08
CA ILE A 189 -4.59 19.82 13.32
C ILE A 189 -5.11 20.87 14.31
N LEU A 190 -6.32 20.66 14.86
CA LEU A 190 -6.96 21.62 15.79
C LEU A 190 -6.57 21.30 17.24
N SER A 191 -5.93 22.25 17.93
CA SER A 191 -5.33 22.11 19.27
C SER A 191 -6.37 21.88 20.38
N ASP A 192 -7.56 22.44 20.27
CA ASP A 192 -8.62 22.36 21.29
C ASP A 192 -9.62 21.22 20.98
N CYS A 193 -9.50 20.55 19.82
CA CYS A 193 -10.38 19.44 19.39
C CYS A 193 -9.65 18.09 19.41
N THR A 194 -8.49 18.03 20.07
CA THR A 194 -7.65 16.82 20.24
C THR A 194 -7.29 16.77 21.71
N GLY A 195 -6.71 15.67 22.16
CA GLY A 195 -6.29 15.48 23.55
C GLY A 195 -5.54 14.18 23.69
N ALA A 196 -4.77 14.03 24.77
CA ALA A 196 -3.90 12.85 24.98
C ALA A 196 -3.99 12.35 26.42
N THR A 197 -3.35 11.22 26.71
CA THR A 197 -3.29 10.62 28.07
C THR A 197 -2.35 11.43 28.96
N ASP A 198 -1.59 12.38 28.41
CA ASP A 198 -0.60 13.21 29.16
C ASP A 198 -0.57 14.61 28.53
N ARG A 199 -0.74 15.67 29.32
CA ARG A 199 -0.81 17.06 28.77
C ARG A 199 0.49 17.42 28.08
N LYS A 200 1.64 17.00 28.61
CA LYS A 200 2.95 17.31 28.00
C LYS A 200 3.07 16.62 26.62
N HIS A 201 2.53 15.40 26.47
CA HIS A 201 2.52 14.71 25.16
C HIS A 201 1.60 15.42 24.17
N HIS A 202 0.41 15.86 24.60
CA HIS A 202 -0.48 16.69 23.76
C HIS A 202 0.28 17.93 23.24
N GLU A 203 0.91 18.68 24.15
CA GLU A 203 1.60 19.95 23.77
C GLU A 203 2.78 19.65 22.86
N ALA A 204 3.57 18.61 23.13
CA ALA A 204 4.75 18.23 22.32
C ALA A 204 4.29 17.77 20.93
N ALA A 205 3.19 17.01 20.86
CA ALA A 205 2.65 16.54 19.55
C ALA A 205 2.32 17.75 18.68
N LEU A 206 1.70 18.79 19.24
CA LEU A 206 1.34 20.00 18.45
C LEU A 206 2.62 20.76 18.04
N SER A 207 3.58 20.98 18.94
CA SER A 207 4.80 21.77 18.62
C SER A 207 5.68 21.02 17.59
N MET A 208 5.68 19.70 17.59
CA MET A 208 6.40 18.88 16.55
C MET A 208 5.95 19.24 15.13
N VAL A 209 4.67 19.54 14.92
CA VAL A 209 4.11 19.83 13.58
C VAL A 209 4.76 21.10 13.02
N THR A 210 5.08 22.06 13.89
CA THR A 210 5.42 23.47 13.52
C THR A 210 6.88 23.65 13.11
N MET A 211 7.74 22.65 13.31
CA MET A 211 9.19 22.78 13.00
C MET A 211 9.43 22.75 11.49
N GLN A 212 10.61 23.23 11.05
CA GLN A 212 11.08 23.12 9.64
C GLN A 212 10.07 23.78 8.67
N GLY A 213 9.43 24.88 9.06
CA GLY A 213 8.44 25.55 8.20
C GLY A 213 7.07 24.88 8.19
N GLY A 214 6.85 23.92 9.08
CA GLY A 214 5.58 23.17 9.20
C GLY A 214 5.72 21.77 8.62
N VAL A 215 6.55 20.96 9.23
CA VAL A 215 7.03 19.66 8.67
C VAL A 215 5.84 18.73 8.38
N PHE A 216 4.78 18.75 9.20
CA PHE A 216 3.58 17.87 9.00
C PHE A 216 2.35 18.66 8.57
N GLY A 217 2.45 19.97 8.41
CA GLY A 217 1.29 20.87 8.20
C GLY A 217 1.34 22.02 9.17
N ALA A 218 0.19 22.40 9.71
CA ALA A 218 0.06 23.51 10.68
C ALA A 218 -0.91 23.12 11.78
N THR A 219 -0.84 23.87 12.90
CA THR A 219 -1.77 23.80 14.04
C THR A 219 -2.62 25.07 14.10
N ALA A 220 -3.81 24.95 14.67
CA ALA A 220 -4.71 26.10 14.89
C ALA A 220 -5.69 25.78 16.01
N HIS A 221 -6.23 26.82 16.64
CA HIS A 221 -7.40 26.70 17.54
C HIS A 221 -8.68 26.71 16.67
N SER A 222 -9.72 26.00 17.06
CA SER A 222 -11.02 25.96 16.31
C SER A 222 -11.53 27.39 16.11
N ASP A 223 -11.30 28.32 17.03
CA ASP A 223 -11.74 29.74 16.83
C ASP A 223 -11.17 30.30 15.52
N ASP A 224 -9.92 29.99 15.18
CA ASP A 224 -9.21 30.53 13.98
C ASP A 224 -9.84 29.88 12.73
N LEU A 225 -10.21 28.58 12.78
CA LEU A 225 -10.90 27.93 11.63
C LEU A 225 -12.29 28.55 11.44
N LEU A 226 -13.07 28.67 12.50
CA LEU A 226 -14.45 29.23 12.44
C LEU A 226 -14.39 30.67 11.92
N ALA A 227 -13.37 31.47 12.26
CA ALA A 227 -13.19 32.85 11.73
C ALA A 227 -12.98 32.81 10.20
N ALA A 228 -12.16 31.90 9.69
CA ALA A 228 -11.89 31.76 8.23
C ALA A 228 -13.17 31.32 7.49
N LEU A 229 -14.00 30.48 8.11
CA LEU A 229 -15.23 29.92 7.50
C LEU A 229 -16.39 30.93 7.58
N GLY A 230 -16.19 32.10 8.21
CA GLY A 230 -17.26 33.11 8.44
C GLY A 230 -16.98 34.45 7.76
N MET B 4 -0.33 -34.41 8.02
CA MET B 4 0.00 -33.17 8.79
C MET B 4 1.03 -32.30 8.01
N ILE B 5 2.01 -32.84 7.27
CA ILE B 5 2.65 -32.15 6.11
C ILE B 5 2.33 -33.00 4.88
N TYR B 6 1.87 -32.39 3.78
CA TYR B 6 1.44 -33.13 2.57
C TYR B 6 2.44 -32.92 1.44
N SER B 7 2.45 -33.86 0.50
CA SER B 7 3.37 -33.82 -0.66
C SER B 7 2.83 -32.83 -1.71
N THR B 8 3.52 -32.74 -2.84
CA THR B 8 3.16 -31.84 -3.97
C THR B 8 1.89 -32.30 -4.67
N VAL B 9 1.26 -31.36 -5.37
CA VAL B 9 0.11 -31.54 -6.28
C VAL B 9 0.65 -31.68 -7.70
N ASN B 10 0.16 -32.68 -8.43
CA ASN B 10 0.37 -32.81 -9.90
C ASN B 10 -0.25 -31.58 -10.57
N ALA B 11 0.57 -30.65 -11.04
CA ALA B 11 0.10 -29.33 -11.52
C ALA B 11 0.87 -28.92 -12.77
N ASN B 12 0.41 -27.85 -13.40
CA ASN B 12 1.00 -27.31 -14.64
C ASN B 12 1.54 -25.91 -14.35
N PRO B 13 2.84 -25.62 -14.54
CA PRO B 13 3.81 -26.49 -15.23
C PRO B 13 4.85 -27.18 -14.34
N TYR B 14 4.65 -27.17 -13.02
CA TYR B 14 5.55 -27.80 -12.03
C TYR B 14 4.72 -28.44 -10.93
N ALA B 15 5.27 -29.48 -10.31
CA ALA B 15 4.68 -30.09 -9.10
C ALA B 15 4.64 -29.03 -7.98
N TRP B 16 3.46 -28.64 -7.55
CA TRP B 16 3.24 -27.45 -6.69
C TRP B 16 3.15 -27.90 -5.23
N PRO B 17 3.71 -27.13 -4.25
CA PRO B 17 4.43 -25.88 -4.47
C PRO B 17 5.95 -26.00 -4.73
N TYR B 18 6.61 -24.88 -5.06
CA TYR B 18 8.05 -24.83 -5.46
C TYR B 18 8.94 -25.38 -4.33
N ASP B 19 8.51 -25.28 -3.07
CA ASP B 19 9.36 -25.64 -1.90
C ASP B 19 9.11 -27.09 -1.50
N GLY B 20 8.22 -27.82 -2.18
CA GLY B 20 8.19 -29.29 -2.19
C GLY B 20 7.23 -29.93 -1.21
N SER B 21 6.45 -29.17 -0.44
CA SER B 21 5.44 -29.70 0.52
C SER B 21 4.41 -28.61 0.91
N ILE B 22 3.27 -29.06 1.40
CA ILE B 22 2.11 -28.23 1.82
C ILE B 22 1.96 -28.36 3.33
N ASP B 23 2.12 -27.24 4.04
CA ASP B 23 1.88 -27.15 5.50
C ASP B 23 0.57 -26.38 5.73
N PRO B 24 -0.47 -27.02 6.27
CA PRO B 24 -1.74 -26.33 6.52
C PRO B 24 -1.62 -25.08 7.42
N ALA B 25 -0.63 -25.06 8.31
CA ALA B 25 -0.39 -23.92 9.23
C ALA B 25 0.03 -22.67 8.42
N HIS B 26 0.45 -22.83 7.17
CA HIS B 26 1.01 -21.70 6.36
C HIS B 26 0.26 -21.59 5.02
N THR B 27 -0.88 -22.27 4.89
CA THR B 27 -1.66 -22.36 3.62
C THR B 27 -3.09 -21.86 3.85
N ALA B 28 -3.63 -21.06 2.92
CA ALA B 28 -5.04 -20.59 2.93
C ALA B 28 -5.71 -20.96 1.61
N LEU B 29 -6.93 -21.44 1.71
CA LEU B 29 -7.90 -21.57 0.59
C LEU B 29 -8.65 -20.24 0.50
N ILE B 30 -8.70 -19.65 -0.69
CA ILE B 30 -9.45 -18.37 -0.95
C ILE B 30 -10.64 -18.71 -1.82
N LEU B 31 -11.85 -18.34 -1.38
CA LEU B 31 -13.09 -18.48 -2.18
C LEU B 31 -13.50 -17.08 -2.65
N ILE B 32 -13.38 -16.82 -3.94
CA ILE B 32 -13.54 -15.44 -4.50
C ILE B 32 -14.92 -15.27 -5.14
N ASP B 33 -15.76 -14.44 -4.50
CA ASP B 33 -16.95 -13.81 -5.11
C ASP B 33 -18.01 -14.83 -5.55
N TRP B 34 -18.25 -15.88 -4.77
CA TRP B 34 -19.37 -16.83 -5.04
C TRP B 34 -20.69 -16.20 -4.59
N GLN B 35 -21.17 -15.20 -5.34
CA GLN B 35 -22.33 -14.33 -5.02
C GLN B 35 -23.37 -14.47 -6.16
N ILE B 36 -24.66 -14.28 -5.89
CA ILE B 36 -25.68 -14.22 -6.99
C ILE B 36 -25.25 -13.18 -8.04
N ASP B 37 -24.65 -12.08 -7.65
CA ASP B 37 -24.26 -11.03 -8.63
C ASP B 37 -23.33 -11.62 -9.71
N PHE B 38 -22.54 -12.66 -9.43
CA PHE B 38 -21.61 -13.25 -10.42
C PHE B 38 -22.11 -14.59 -10.96
N CYS B 39 -23.02 -15.30 -10.30
CA CYS B 39 -23.35 -16.71 -10.73
C CYS B 39 -24.83 -17.08 -10.58
N GLY B 40 -25.72 -16.14 -10.26
CA GLY B 40 -27.13 -16.48 -9.99
C GLY B 40 -28.11 -15.66 -10.82
N PRO B 41 -29.34 -16.21 -11.01
CA PRO B 41 -30.40 -15.50 -11.72
C PRO B 41 -30.74 -14.15 -11.08
N GLY B 42 -30.86 -13.10 -11.89
CA GLY B 42 -31.35 -11.77 -11.47
C GLY B 42 -30.23 -10.83 -11.03
N GLY B 43 -28.98 -11.31 -10.99
CA GLY B 43 -27.84 -10.48 -10.53
C GLY B 43 -27.18 -9.70 -11.66
N TYR B 44 -26.07 -9.04 -11.32
CA TYR B 44 -25.20 -8.23 -12.23
C TYR B 44 -24.87 -8.98 -13.53
N VAL B 45 -24.24 -10.16 -13.45
CA VAL B 45 -23.74 -10.88 -14.65
C VAL B 45 -24.94 -11.33 -15.51
N ASP B 46 -26.01 -11.81 -14.89
CA ASP B 46 -27.25 -12.19 -15.62
C ASP B 46 -27.85 -10.97 -16.32
N SER B 47 -27.94 -9.83 -15.63
CA SER B 47 -28.50 -8.58 -16.20
C SER B 47 -27.67 -8.09 -17.40
N MET B 48 -26.38 -8.42 -17.49
CA MET B 48 -25.52 -8.04 -18.65
C MET B 48 -25.69 -9.05 -19.80
N GLY B 49 -26.35 -10.19 -19.55
CA GLY B 49 -26.73 -11.15 -20.60
C GLY B 49 -25.75 -12.30 -20.81
N TYR B 50 -24.84 -12.54 -19.86
CA TYR B 50 -23.83 -13.63 -19.95
C TYR B 50 -24.45 -14.96 -19.50
N ASP B 51 -23.81 -16.07 -19.89
CA ASP B 51 -24.27 -17.47 -19.63
C ASP B 51 -23.86 -17.90 -18.21
N LEU B 52 -24.82 -17.96 -17.27
CA LEU B 52 -24.54 -18.34 -15.86
C LEU B 52 -24.04 -19.79 -15.74
N SER B 53 -24.29 -20.70 -16.69
CA SER B 53 -23.77 -22.08 -16.56
C SER B 53 -22.23 -22.06 -16.56
N LEU B 54 -21.60 -21.06 -17.18
CA LEU B 54 -20.12 -20.95 -17.25
C LEU B 54 -19.58 -20.61 -15.86
N THR B 55 -20.29 -19.77 -15.07
CA THR B 55 -19.81 -19.31 -13.73
C THR B 55 -20.25 -20.28 -12.63
N ARG B 56 -21.38 -20.99 -12.78
CA ARG B 56 -21.93 -21.90 -11.73
C ARG B 56 -21.24 -23.27 -11.72
N SER B 57 -20.59 -23.71 -12.81
CA SER B 57 -20.07 -25.10 -12.91
C SER B 57 -19.00 -25.37 -11.85
N GLY B 58 -18.35 -24.33 -11.30
CA GLY B 58 -17.28 -24.50 -10.31
C GLY B 58 -17.78 -24.59 -8.88
N LEU B 59 -19.08 -24.42 -8.65
CA LEU B 59 -19.66 -24.32 -7.27
C LEU B 59 -19.54 -25.66 -6.57
N GLU B 60 -20.03 -26.77 -7.15
CA GLU B 60 -19.99 -28.07 -6.42
C GLU B 60 -18.56 -28.55 -6.20
N PRO B 61 -17.63 -28.46 -7.18
CA PRO B 61 -16.22 -28.78 -6.94
C PRO B 61 -15.63 -27.92 -5.80
N THR B 62 -15.98 -26.65 -5.77
CA THR B 62 -15.47 -25.72 -4.71
C THR B 62 -15.96 -26.21 -3.33
N ALA B 63 -17.22 -26.63 -3.23
CA ALA B 63 -17.77 -27.13 -1.94
C ALA B 63 -16.98 -28.36 -1.44
N ARG B 64 -16.58 -29.27 -2.34
CA ARG B 64 -15.76 -30.45 -1.96
C ARG B 64 -14.38 -29.99 -1.48
N VAL B 65 -13.76 -29.00 -2.13
CA VAL B 65 -12.43 -28.47 -1.72
C VAL B 65 -12.54 -27.75 -0.36
N LEU B 66 -13.62 -26.99 -0.13
CA LEU B 66 -13.87 -26.26 1.14
C LEU B 66 -13.96 -27.31 2.29
N ALA B 67 -14.67 -28.42 2.05
CA ALA B 67 -14.79 -29.51 3.07
C ALA B 67 -13.39 -30.09 3.37
N ALA B 68 -12.55 -30.30 2.37
CA ALA B 68 -11.18 -30.84 2.53
C ALA B 68 -10.31 -29.85 3.29
N ALA B 69 -10.43 -28.54 3.02
CA ALA B 69 -9.66 -27.51 3.73
C ALA B 69 -10.02 -27.50 5.21
N ARG B 70 -11.31 -27.57 5.51
CA ARG B 70 -11.84 -27.61 6.91
C ARG B 70 -11.26 -28.87 7.61
N ASP B 71 -11.24 -30.03 6.93
CA ASP B 71 -10.76 -31.32 7.52
C ASP B 71 -9.27 -31.25 7.85
N THR B 72 -8.47 -30.54 7.05
CA THR B 72 -6.98 -30.51 7.18
C THR B 72 -6.54 -29.35 8.09
N GLY B 73 -7.45 -28.45 8.48
CA GLY B 73 -7.12 -27.31 9.37
C GLY B 73 -6.37 -26.18 8.66
N MET B 74 -6.50 -26.08 7.33
CA MET B 74 -5.96 -24.90 6.57
C MET B 74 -6.74 -23.64 6.96
N THR B 75 -6.15 -22.47 6.76
CA THR B 75 -6.93 -21.19 6.79
C THR B 75 -7.92 -21.18 5.60
N VAL B 76 -9.11 -20.66 5.83
CA VAL B 76 -10.13 -20.39 4.77
C VAL B 76 -10.52 -18.91 4.83
N ILE B 77 -10.41 -18.22 3.68
CA ILE B 77 -10.76 -16.79 3.52
C ILE B 77 -11.76 -16.70 2.37
N HIS B 78 -12.85 -15.95 2.57
CA HIS B 78 -13.89 -15.70 1.54
C HIS B 78 -13.80 -14.23 1.08
N THR B 79 -14.18 -13.95 -0.18
CA THR B 79 -14.28 -12.54 -0.65
C THR B 79 -15.66 -12.27 -1.22
N ARG B 80 -16.11 -11.02 -1.08
CA ARG B 80 -17.35 -10.49 -1.72
C ARG B 80 -16.99 -9.17 -2.38
N GLU B 81 -17.24 -9.05 -3.69
CA GLU B 81 -17.09 -7.73 -4.34
C GLU B 81 -18.35 -6.93 -4.04
N GLY B 82 -18.19 -5.66 -3.71
CA GLY B 82 -19.37 -4.81 -3.43
C GLY B 82 -18.99 -3.47 -2.86
N HIS B 83 -19.99 -2.59 -2.74
CA HIS B 83 -19.77 -1.17 -2.39
C HIS B 83 -20.53 -0.77 -1.12
N ARG B 84 -19.92 0.12 -0.33
CA ARG B 84 -20.61 0.83 0.77
C ARG B 84 -21.95 1.30 0.23
N PRO B 85 -23.07 1.13 0.97
CA PRO B 85 -24.37 1.59 0.47
C PRO B 85 -24.45 3.06 0.03
N ASP B 86 -23.60 3.96 0.57
CA ASP B 86 -23.53 5.37 0.13
C ASP B 86 -22.67 5.54 -1.13
N LEU B 87 -22.08 4.44 -1.65
CA LEU B 87 -21.27 4.38 -2.90
C LEU B 87 -20.02 5.30 -2.82
N ALA B 88 -19.50 5.57 -1.62
CA ALA B 88 -18.31 6.43 -1.46
C ALA B 88 -17.03 5.79 -2.02
N ASP B 89 -17.03 4.47 -2.21
CA ASP B 89 -15.87 3.67 -2.71
C ASP B 89 -16.09 3.27 -4.18
N LEU B 90 -16.97 3.95 -4.91
CA LEU B 90 -17.32 3.59 -6.32
C LEU B 90 -16.68 4.59 -7.28
N PRO B 91 -15.60 4.23 -8.01
CA PRO B 91 -15.02 5.16 -8.98
C PRO B 91 -16.01 5.45 -10.10
N PRO B 92 -16.05 6.70 -10.61
CA PRO B 92 -17.01 7.06 -11.66
C PRO B 92 -16.85 6.23 -12.94
N ASN B 93 -15.63 5.79 -13.31
CA ASN B 93 -15.50 4.96 -14.53
C ASN B 93 -16.17 3.58 -14.31
N LYS B 94 -15.97 2.94 -13.17
CA LYS B 94 -16.61 1.66 -12.86
C LYS B 94 -18.14 1.82 -12.95
N ARG B 95 -18.68 2.90 -12.38
CA ARG B 95 -20.15 3.16 -12.39
C ARG B 95 -20.64 3.28 -13.84
N TRP B 96 -19.96 4.12 -14.64
CA TRP B 96 -20.36 4.45 -16.04
C TRP B 96 -20.39 3.18 -16.89
N ARG B 97 -19.36 2.32 -16.76
CA ARG B 97 -19.28 1.08 -17.56
C ARG B 97 -20.43 0.15 -17.17
N SER B 98 -20.73 0.02 -15.88
CA SER B 98 -21.81 -0.88 -15.41
C SER B 98 -23.16 -0.40 -16.00
N ALA B 99 -23.38 0.92 -16.11
CA ALA B 99 -24.61 1.47 -16.73
C ALA B 99 -24.61 1.14 -18.22
N SER B 100 -23.47 1.28 -18.89
CA SER B 100 -23.30 1.04 -20.35
C SER B 100 -23.64 -0.43 -20.64
N ALA B 101 -23.32 -1.33 -19.72
CA ALA B 101 -23.52 -2.79 -19.88
C ALA B 101 -24.95 -3.20 -19.49
N GLY B 102 -25.78 -2.26 -19.01
CA GLY B 102 -27.21 -2.46 -18.69
C GLY B 102 -27.43 -3.04 -17.31
N ALA B 103 -26.51 -2.80 -16.36
CA ALA B 103 -26.59 -3.31 -14.98
C ALA B 103 -25.86 -2.34 -14.04
N GLU B 104 -26.35 -1.10 -13.92
CA GLU B 104 -25.65 -0.03 -13.16
C GLU B 104 -25.52 -0.43 -11.69
N ILE B 105 -24.29 -0.35 -11.18
CA ILE B 105 -24.01 -0.52 -9.72
C ILE B 105 -24.86 0.47 -8.93
N GLY B 106 -25.59 -0.05 -7.93
CA GLY B 106 -26.47 0.76 -7.06
C GLY B 106 -27.91 0.85 -7.55
N SER B 107 -28.17 0.53 -8.82
CA SER B 107 -29.55 0.48 -9.38
C SER B 107 -30.30 -0.76 -8.86
N VAL B 108 -31.62 -0.68 -8.78
CA VAL B 108 -32.52 -1.77 -8.32
C VAL B 108 -32.75 -2.79 -9.44
N GLY B 109 -32.45 -4.05 -9.15
CA GLY B 109 -32.80 -5.18 -10.01
C GLY B 109 -33.55 -6.23 -9.20
N PRO B 110 -33.79 -7.41 -9.80
CA PRO B 110 -34.55 -8.47 -9.14
C PRO B 110 -33.98 -8.96 -7.79
N CYS B 111 -32.69 -8.73 -7.49
CA CYS B 111 -32.08 -9.17 -6.22
C CYS B 111 -31.60 -7.94 -5.41
N GLY B 112 -32.27 -6.79 -5.54
CA GLY B 112 -31.94 -5.57 -4.79
C GLY B 112 -30.95 -4.69 -5.53
N ARG B 113 -30.23 -3.83 -4.84
CA ARG B 113 -29.29 -2.86 -5.48
C ARG B 113 -28.03 -3.64 -5.90
N ILE B 114 -27.67 -3.53 -7.17
CA ILE B 114 -26.59 -4.30 -7.83
C ILE B 114 -25.23 -3.95 -7.17
N LEU B 115 -24.52 -4.97 -6.71
CA LEU B 115 -23.16 -4.89 -6.09
C LEU B 115 -23.13 -3.94 -4.89
N VAL B 116 -24.23 -3.84 -4.14
CA VAL B 116 -24.24 -3.05 -2.88
C VAL B 116 -24.22 -3.99 -1.67
N ARG B 117 -23.32 -3.69 -0.71
CA ARG B 117 -23.18 -4.50 0.53
C ARG B 117 -24.52 -4.55 1.27
N GLY B 118 -24.91 -5.74 1.71
CA GLY B 118 -26.13 -6.01 2.49
C GLY B 118 -27.32 -6.46 1.62
N GLU B 119 -27.21 -6.40 0.30
CA GLU B 119 -28.30 -6.73 -0.64
C GLU B 119 -28.32 -8.24 -0.94
N PRO B 120 -29.49 -8.82 -1.26
CA PRO B 120 -29.56 -10.26 -1.56
C PRO B 120 -28.62 -10.76 -2.67
N GLY B 121 -28.46 -10.01 -3.77
CA GLY B 121 -27.57 -10.42 -4.87
C GLY B 121 -26.09 -10.44 -4.46
N TRP B 122 -25.73 -9.72 -3.40
CA TRP B 122 -24.33 -9.59 -2.92
C TRP B 122 -23.94 -10.73 -1.97
N GLU B 123 -24.92 -11.41 -1.34
CA GLU B 123 -24.60 -12.47 -0.35
C GLU B 123 -23.81 -13.61 -1.01
N ILE B 124 -22.96 -14.27 -0.22
CA ILE B 124 -22.33 -15.55 -0.59
C ILE B 124 -23.42 -16.60 -0.71
N VAL B 125 -23.41 -17.36 -1.79
CA VAL B 125 -24.45 -18.42 -2.04
C VAL B 125 -24.30 -19.52 -1.00
N PRO B 126 -25.42 -20.17 -0.62
CA PRO B 126 -25.36 -21.14 0.47
C PRO B 126 -24.48 -22.38 0.27
N GLU B 127 -24.28 -22.83 -0.98
CA GLU B 127 -23.45 -24.00 -1.34
C GLU B 127 -22.03 -23.88 -0.73
N VAL B 128 -21.53 -22.65 -0.55
CA VAL B 128 -20.15 -22.40 -0.01
C VAL B 128 -20.23 -21.38 1.14
N ALA B 129 -21.23 -21.48 2.00
CA ALA B 129 -21.43 -20.56 3.16
C ALA B 129 -20.22 -20.56 4.08
N PRO B 130 -19.77 -19.36 4.52
CA PRO B 130 -18.68 -19.26 5.47
C PRO B 130 -19.07 -19.74 6.87
N ARG B 131 -18.04 -20.05 7.66
CA ARG B 131 -18.21 -20.38 9.10
C ARG B 131 -17.38 -19.42 9.93
N GLU B 132 -17.72 -19.23 11.20
CA GLU B 132 -16.89 -18.46 12.17
C GLU B 132 -15.43 -18.96 12.11
N GLY B 133 -14.49 -18.01 12.08
CA GLY B 133 -13.05 -18.23 12.01
C GLY B 133 -12.55 -18.34 10.57
N GLU B 134 -13.42 -18.05 9.59
CA GLU B 134 -13.03 -17.98 8.14
C GLU B 134 -13.27 -16.54 7.69
N PRO B 135 -12.27 -15.63 7.77
CA PRO B 135 -12.54 -14.20 7.60
C PRO B 135 -13.09 -13.92 6.19
N ILE B 136 -14.02 -12.97 6.09
CA ILE B 136 -14.61 -12.49 4.82
C ILE B 136 -14.02 -11.10 4.50
N ILE B 137 -13.50 -10.98 3.27
CA ILE B 137 -12.95 -9.71 2.71
C ILE B 137 -14.05 -9.04 1.90
N ASP B 138 -14.35 -7.79 2.20
CA ASP B 138 -15.27 -6.94 1.38
C ASP B 138 -14.43 -6.01 0.52
N LYS B 139 -14.34 -6.29 -0.78
CA LYS B 139 -13.43 -5.59 -1.70
C LYS B 139 -14.24 -4.71 -2.64
N PRO B 140 -13.85 -3.42 -2.82
CA PRO B 140 -14.50 -2.52 -3.79
C PRO B 140 -13.95 -2.67 -5.21
N GLY B 141 -12.86 -3.40 -5.37
CA GLY B 141 -12.21 -3.61 -6.68
C GLY B 141 -12.13 -5.08 -7.06
N LYS B 142 -11.44 -5.37 -8.16
CA LYS B 142 -11.30 -6.76 -8.68
C LYS B 142 -10.27 -7.53 -7.84
N GLY B 143 -9.13 -6.92 -7.52
CA GLY B 143 -8.11 -7.55 -6.66
C GLY B 143 -8.50 -7.50 -5.20
N ALA B 144 -8.34 -8.60 -4.46
CA ALA B 144 -8.79 -8.67 -3.04
C ALA B 144 -7.85 -7.93 -2.09
N PHE B 145 -6.65 -7.50 -2.54
CA PHE B 145 -5.69 -6.79 -1.65
C PHE B 145 -6.00 -5.29 -1.58
N TYR B 146 -6.42 -4.67 -2.69
CA TYR B 146 -6.50 -3.18 -2.74
C TYR B 146 -7.67 -2.67 -1.86
N ALA B 147 -7.37 -1.72 -0.97
CA ALA B 147 -8.36 -1.01 -0.13
C ALA B 147 -9.02 -1.97 0.87
N THR B 148 -8.35 -3.08 1.22
CA THR B 148 -8.81 -4.04 2.25
C THR B 148 -7.74 -4.30 3.33
N ASP B 149 -8.07 -5.16 4.30
CA ASP B 149 -7.13 -5.65 5.33
C ASP B 149 -6.61 -7.06 4.99
N LEU B 150 -6.74 -7.57 3.76
CA LEU B 150 -6.36 -8.98 3.45
C LEU B 150 -4.89 -9.23 3.80
N ASP B 151 -3.97 -8.38 3.36
CA ASP B 151 -2.52 -8.64 3.62
C ASP B 151 -2.26 -8.69 5.14
N LEU B 152 -2.87 -7.81 5.93
CA LEU B 152 -2.76 -7.88 7.41
C LEU B 152 -3.28 -9.23 7.94
N LEU B 153 -4.43 -9.72 7.47
CA LEU B 153 -4.96 -11.03 7.97
C LEU B 153 -3.96 -12.16 7.63
N LEU B 154 -3.42 -12.17 6.40
CA LEU B 154 -2.51 -13.26 5.95
C LEU B 154 -1.20 -13.21 6.73
N ARG B 155 -0.61 -12.02 6.94
CA ARG B 155 0.73 -11.92 7.59
C ARG B 155 0.56 -12.25 9.08
N THR B 156 -0.57 -11.90 9.69
CA THR B 156 -0.81 -12.18 11.14
C THR B 156 -0.89 -13.69 11.34
N ARG B 157 -1.45 -14.45 10.39
CA ARG B 157 -1.57 -15.94 10.47
C ARG B 157 -0.29 -16.65 9.97
N GLY B 158 0.69 -15.94 9.43
CA GLY B 158 1.90 -16.55 8.84
C GLY B 158 1.63 -17.30 7.55
N ILE B 159 0.65 -16.87 6.76
CA ILE B 159 0.34 -17.55 5.47
C ILE B 159 1.41 -17.22 4.41
N THR B 160 1.91 -18.25 3.72
CA THR B 160 2.89 -18.14 2.61
C THR B 160 2.35 -18.70 1.28
N HIS B 161 1.35 -19.59 1.34
CA HIS B 161 0.81 -20.37 0.19
C HIS B 161 -0.69 -20.13 0.05
N LEU B 162 -1.19 -19.94 -1.17
CA LEU B 162 -2.64 -19.68 -1.42
C LEU B 162 -3.14 -20.69 -2.45
N ILE B 163 -4.34 -21.22 -2.24
CA ILE B 163 -5.08 -22.06 -3.21
C ILE B 163 -6.31 -21.26 -3.62
N LEU B 164 -6.49 -20.96 -4.91
CA LEU B 164 -7.55 -20.03 -5.37
C LEU B 164 -8.69 -20.76 -6.09
N THR B 165 -9.91 -20.40 -5.70
CA THR B 165 -11.19 -20.81 -6.30
C THR B 165 -12.06 -19.56 -6.42
N GLY B 166 -13.09 -19.64 -7.26
CA GLY B 166 -14.06 -18.54 -7.38
C GLY B 166 -14.09 -17.96 -8.77
N ILE B 167 -14.72 -16.78 -8.89
CA ILE B 167 -15.16 -16.26 -10.20
C ILE B 167 -14.93 -14.75 -10.24
N THR B 168 -14.61 -14.20 -11.43
CA THR B 168 -14.36 -14.95 -12.64
C THR B 168 -12.85 -15.17 -12.82
N THR B 169 -12.46 -16.18 -13.60
CA THR B 169 -11.08 -16.65 -13.73
C THR B 169 -10.18 -15.49 -14.20
N ASP B 170 -10.67 -14.75 -15.17
CA ASP B 170 -9.88 -13.72 -15.88
C ASP B 170 -9.98 -12.35 -15.19
N VAL B 171 -10.96 -12.13 -14.29
CA VAL B 171 -11.12 -10.80 -13.64
C VAL B 171 -10.69 -10.88 -12.17
N SER B 172 -11.60 -11.13 -11.22
CA SER B 172 -11.27 -11.09 -9.78
C SER B 172 -10.22 -12.16 -9.39
N VAL B 173 -10.31 -13.39 -9.91
CA VAL B 173 -9.36 -14.44 -9.48
C VAL B 173 -7.96 -14.09 -9.98
N HIS B 174 -7.82 -13.80 -11.27
CA HIS B 174 -6.48 -13.46 -11.85
C HIS B 174 -5.92 -12.21 -11.16
N THR B 175 -6.73 -11.16 -10.93
CA THR B 175 -6.19 -9.91 -10.33
C THR B 175 -5.62 -10.25 -8.94
N THR B 176 -6.35 -11.01 -8.14
CA THR B 176 -5.93 -11.43 -6.77
C THR B 176 -4.66 -12.28 -6.86
N MET B 177 -4.58 -13.18 -7.82
CA MET B 177 -3.39 -14.07 -7.99
C MET B 177 -2.17 -13.20 -8.33
N ARG B 178 -2.33 -12.24 -9.23
CA ARG B 178 -1.19 -11.37 -9.67
C ARG B 178 -0.72 -10.50 -8.50
N GLU B 179 -1.63 -9.92 -7.71
CA GLU B 179 -1.32 -9.10 -6.49
C GLU B 179 -0.54 -9.96 -5.48
N ALA B 180 -1.03 -11.15 -5.17
CA ALA B 180 -0.42 -12.07 -4.17
C ALA B 180 0.98 -12.50 -4.66
N ASN B 181 1.07 -12.87 -5.95
CA ASN B 181 2.35 -13.33 -6.53
C ASN B 181 3.45 -12.26 -6.43
N ASP B 182 3.12 -10.99 -6.67
CA ASP B 182 4.15 -9.92 -6.65
C ASP B 182 4.70 -9.76 -5.23
N ARG B 183 3.90 -10.04 -4.19
CA ARG B 183 4.32 -9.94 -2.77
C ARG B 183 5.14 -11.18 -2.36
N GLY B 184 5.20 -12.21 -3.20
CA GLY B 184 5.96 -13.45 -2.93
C GLY B 184 5.12 -14.60 -2.43
N TYR B 185 3.80 -14.49 -2.36
CA TYR B 185 2.92 -15.64 -2.04
C TYR B 185 3.05 -16.67 -3.18
N GLU B 186 3.00 -17.94 -2.82
CA GLU B 186 3.06 -19.09 -3.76
C GLU B 186 1.63 -19.58 -4.00
N CYS B 187 1.12 -19.45 -5.23
CA CYS B 187 -0.31 -19.62 -5.54
C CYS B 187 -0.59 -20.77 -6.51
N LEU B 188 -1.68 -21.51 -6.23
CA LEU B 188 -2.26 -22.57 -7.10
C LEU B 188 -3.66 -22.13 -7.49
N ILE B 189 -4.01 -22.22 -8.78
CA ILE B 189 -5.39 -21.93 -9.23
C ILE B 189 -6.04 -23.23 -9.70
N LEU B 190 -7.23 -23.54 -9.19
CA LEU B 190 -7.96 -24.80 -9.53
C LEU B 190 -8.84 -24.57 -10.78
N SER B 191 -8.58 -25.34 -11.83
CA SER B 191 -9.20 -25.19 -13.17
C SER B 191 -10.71 -25.50 -13.17
N ASP B 192 -11.17 -26.43 -12.34
CA ASP B 192 -12.58 -26.87 -12.30
C ASP B 192 -13.36 -26.13 -11.22
N CYS B 193 -12.73 -25.27 -10.41
CA CYS B 193 -13.35 -24.48 -9.32
C CYS B 193 -13.39 -22.98 -9.65
N THR B 194 -13.17 -22.63 -10.93
CA THR B 194 -13.18 -21.25 -11.46
C THR B 194 -14.02 -21.27 -12.73
N GLY B 195 -14.34 -20.10 -13.27
CA GLY B 195 -15.10 -19.97 -14.51
C GLY B 195 -15.18 -18.52 -14.92
N ALA B 196 -15.53 -18.26 -16.18
CA ALA B 196 -15.53 -16.88 -16.74
C ALA B 196 -16.78 -16.63 -17.59
N THR B 197 -16.97 -15.37 -18.03
CA THR B 197 -18.11 -15.00 -18.90
C THR B 197 -17.91 -15.55 -20.32
N ASP B 198 -16.71 -16.02 -20.66
CA ASP B 198 -16.37 -16.62 -21.98
C ASP B 198 -15.41 -17.81 -21.74
N ARG B 199 -15.75 -18.98 -22.26
CA ARG B 199 -14.94 -20.22 -22.02
C ARG B 199 -13.53 -20.05 -22.57
N LYS B 200 -13.37 -19.37 -23.72
CA LYS B 200 -12.01 -19.12 -24.28
C LYS B 200 -11.16 -18.24 -23.35
N HIS B 201 -11.78 -17.27 -22.68
CA HIS B 201 -11.09 -16.42 -21.68
C HIS B 201 -10.69 -17.24 -20.44
N HIS B 202 -11.58 -18.12 -19.96
CA HIS B 202 -11.23 -19.08 -18.86
C HIS B 202 -9.98 -19.89 -19.25
N GLU B 203 -9.97 -20.49 -20.44
CA GLU B 203 -8.86 -21.37 -20.88
C GLU B 203 -7.57 -20.55 -21.04
N ALA B 204 -7.64 -19.34 -21.61
CA ALA B 204 -6.46 -18.47 -21.82
C ALA B 204 -5.93 -17.99 -20.47
N ALA B 205 -6.81 -17.67 -19.53
CA ALA B 205 -6.40 -17.21 -18.18
C ALA B 205 -5.58 -18.32 -17.50
N LEU B 206 -5.99 -19.59 -17.63
CA LEU B 206 -5.22 -20.72 -17.04
C LEU B 206 -3.88 -20.87 -17.75
N SER B 207 -3.84 -20.88 -19.08
CA SER B 207 -2.60 -21.05 -19.88
C SER B 207 -1.59 -19.92 -19.59
N MET B 208 -2.06 -18.69 -19.35
CA MET B 208 -1.17 -17.53 -19.05
C MET B 208 -0.34 -17.80 -17.78
N VAL B 209 -0.89 -18.51 -16.80
CA VAL B 209 -0.19 -18.81 -15.52
C VAL B 209 1.07 -19.64 -15.79
N THR B 210 1.01 -20.52 -16.79
CA THR B 210 1.94 -21.66 -17.00
C THR B 210 3.21 -21.25 -17.73
N MET B 211 3.27 -20.05 -18.30
CA MET B 211 4.43 -19.62 -19.13
C MET B 211 5.64 -19.30 -18.25
N GLN B 212 6.85 -19.25 -18.85
CA GLN B 212 8.07 -18.76 -18.14
C GLN B 212 8.35 -19.58 -16.87
N GLY B 213 8.05 -20.89 -16.89
CA GLY B 213 8.26 -21.79 -15.74
C GLY B 213 7.19 -21.66 -14.66
N GLY B 214 6.10 -20.96 -14.95
CA GLY B 214 4.97 -20.75 -14.03
C GLY B 214 4.98 -19.32 -13.50
N VAL B 215 4.81 -18.35 -14.37
CA VAL B 215 5.06 -16.90 -14.10
C VAL B 215 4.19 -16.44 -12.92
N PHE B 216 2.95 -16.92 -12.77
CA PHE B 216 2.05 -16.52 -11.67
C PHE B 216 1.81 -17.65 -10.66
N GLY B 217 2.44 -18.80 -10.82
CA GLY B 217 2.18 -20.00 -10.00
C GLY B 217 1.94 -21.20 -10.86
N ALA B 218 0.98 -22.04 -10.48
CA ALA B 218 0.62 -23.26 -11.25
C ALA B 218 -0.89 -23.43 -11.28
N THR B 219 -1.37 -24.32 -12.16
CA THR B 219 -2.79 -24.70 -12.32
C THR B 219 -2.92 -26.19 -11.97
N ALA B 220 -4.08 -26.57 -11.45
CA ALA B 220 -4.39 -27.99 -11.17
C ALA B 220 -5.89 -28.23 -11.18
N HIS B 221 -6.32 -29.47 -11.41
CA HIS B 221 -7.69 -29.92 -11.16
C HIS B 221 -7.88 -30.24 -9.67
N SER B 222 -9.08 -30.00 -9.12
CA SER B 222 -9.50 -30.40 -7.75
C SER B 222 -9.06 -31.83 -7.45
N ASP B 223 -9.22 -32.74 -8.40
CA ASP B 223 -8.89 -34.18 -8.19
C ASP B 223 -7.43 -34.31 -7.71
N ASP B 224 -6.50 -33.55 -8.30
CA ASP B 224 -5.06 -33.67 -8.00
C ASP B 224 -4.78 -33.07 -6.62
N LEU B 225 -5.49 -32.01 -6.21
CA LEU B 225 -5.33 -31.42 -4.85
C LEU B 225 -5.87 -32.43 -3.83
N LEU B 226 -7.08 -32.95 -4.04
CA LEU B 226 -7.72 -33.89 -3.07
C LEU B 226 -6.85 -35.15 -2.95
N ALA B 227 -6.19 -35.62 -4.02
CA ALA B 227 -5.26 -36.79 -3.97
C ALA B 227 -4.07 -36.47 -3.05
N ALA B 228 -3.47 -35.28 -3.17
CA ALA B 228 -2.33 -34.86 -2.34
C ALA B 228 -2.73 -34.74 -0.87
N LEU B 229 -3.97 -34.33 -0.58
CA LEU B 229 -4.47 -34.15 0.80
C LEU B 229 -4.91 -35.48 1.43
N GLY B 230 -5.11 -36.56 0.66
CA GLY B 230 -5.42 -37.90 1.19
C GLY B 230 -6.89 -38.12 1.54
N MET C 4 -4.65 22.80 -25.56
CA MET C 4 -5.62 22.07 -26.43
C MET C 4 -6.21 20.86 -25.67
N ILE C 5 -7.49 20.57 -25.88
CA ILE C 5 -8.21 19.35 -25.37
C ILE C 5 -8.71 18.57 -26.60
N TYR C 6 -8.67 17.24 -26.56
CA TYR C 6 -8.94 16.38 -27.73
C TYR C 6 -10.23 15.59 -27.51
N SER C 7 -10.80 15.11 -28.62
CA SER C 7 -12.02 14.27 -28.63
C SER C 7 -11.67 12.83 -28.22
N THR C 8 -12.66 11.96 -28.23
CA THR C 8 -12.51 10.51 -27.88
C THR C 8 -11.76 9.76 -28.98
N VAL C 9 -11.21 8.61 -28.62
CA VAL C 9 -10.56 7.59 -29.49
C VAL C 9 -11.60 6.54 -29.84
N ASN C 10 -11.70 6.18 -31.12
CA ASN C 10 -12.48 5.00 -31.58
C ASN C 10 -11.83 3.74 -30.97
N ALA C 11 -12.47 3.17 -29.96
CA ALA C 11 -11.90 2.10 -29.14
C ALA C 11 -12.95 1.03 -28.86
N ASN C 12 -12.51 -0.09 -28.32
CA ASN C 12 -13.35 -1.25 -28.01
C ASN C 12 -13.37 -1.44 -26.50
N PRO C 13 -14.53 -1.38 -25.80
CA PRO C 13 -15.87 -1.40 -26.40
C PRO C 13 -16.65 -0.09 -26.38
N TYR C 14 -16.01 1.02 -26.01
CA TYR C 14 -16.60 2.37 -25.95
C TYR C 14 -15.58 3.39 -26.45
N ALA C 15 -16.08 4.50 -26.99
CA ALA C 15 -15.27 5.67 -27.36
C ALA C 15 -14.57 6.20 -26.10
N TRP C 16 -13.25 6.11 -26.07
CA TRP C 16 -12.43 6.34 -24.86
C TRP C 16 -11.93 7.78 -24.83
N PRO C 17 -11.88 8.44 -23.65
CA PRO C 17 -12.30 7.91 -22.35
C PRO C 17 -13.77 8.12 -21.97
N TYR C 18 -14.23 7.52 -20.86
CA TYR C 18 -15.64 7.51 -20.38
C TYR C 18 -16.17 8.94 -20.20
N ASP C 19 -15.30 9.90 -19.87
CA ASP C 19 -15.70 11.27 -19.51
C ASP C 19 -15.70 12.18 -20.74
N GLY C 20 -15.32 11.67 -21.92
CA GLY C 20 -15.67 12.32 -23.20
C GLY C 20 -14.62 13.27 -23.78
N SER C 21 -13.44 13.40 -23.18
CA SER C 21 -12.33 14.21 -23.75
C SER C 21 -10.99 13.75 -23.18
N ILE C 22 -9.92 14.06 -23.89
CA ILE C 22 -8.51 13.79 -23.48
C ILE C 22 -7.83 15.12 -23.18
N ASP C 23 -7.40 15.30 -21.94
CA ASP C 23 -6.69 16.51 -21.47
C ASP C 23 -5.25 16.09 -21.18
N PRO C 24 -4.26 16.57 -21.98
CA PRO C 24 -2.87 16.22 -21.75
C PRO C 24 -2.35 16.51 -20.33
N ALA C 25 -2.91 17.51 -19.66
CA ALA C 25 -2.52 17.91 -18.29
C ALA C 25 -2.86 16.78 -17.30
N HIS C 26 -3.75 15.84 -17.67
CA HIS C 26 -4.25 14.80 -16.72
C HIS C 26 -4.03 13.41 -17.32
N THR C 27 -3.23 13.30 -18.38
CA THR C 27 -3.01 12.03 -19.13
C THR C 27 -1.52 11.67 -19.16
N ALA C 28 -1.16 10.41 -18.90
CA ALA C 28 0.22 9.88 -18.99
C ALA C 28 0.27 8.69 -19.94
N LEU C 29 1.25 8.68 -20.82
CA LEU C 29 1.68 7.53 -21.64
C LEU C 29 2.67 6.74 -20.80
N ILE C 30 2.43 5.43 -20.65
CA ILE C 30 3.33 4.51 -19.88
C ILE C 30 3.98 3.56 -20.88
N LEU C 31 5.31 3.50 -20.89
CA LEU C 31 6.08 2.54 -21.70
C LEU C 31 6.64 1.47 -20.76
N ILE C 32 6.11 0.25 -20.88
CA ILE C 32 6.42 -0.84 -19.92
C ILE C 32 7.48 -1.80 -20.47
N ASP C 33 8.67 -1.79 -19.85
CA ASP C 33 9.69 -2.87 -19.92
C ASP C 33 10.23 -3.08 -21.35
N TRP C 34 10.44 -2.01 -22.13
CA TRP C 34 11.14 -2.12 -23.44
C TRP C 34 12.66 -2.30 -23.20
N GLN C 35 13.04 -3.47 -22.72
CA GLN C 35 14.41 -3.85 -22.29
C GLN C 35 14.90 -5.04 -23.12
N ILE C 36 16.21 -5.20 -23.33
CA ILE C 36 16.75 -6.42 -24.02
C ILE C 36 16.25 -7.69 -23.28
N ASP C 37 16.11 -7.65 -21.95
CA ASP C 37 15.66 -8.86 -21.22
C ASP C 37 14.29 -9.33 -21.73
N PHE C 38 13.42 -8.44 -22.24
CA PHE C 38 12.09 -8.84 -22.74
C PHE C 38 12.01 -8.86 -24.28
N CYS C 39 12.90 -8.18 -25.03
CA CYS C 39 12.71 -8.08 -26.51
C CYS C 39 14.01 -8.14 -27.32
N GLY C 40 15.15 -8.51 -26.72
CA GLY C 40 16.43 -8.50 -27.45
C GLY C 40 17.20 -9.81 -27.35
N PRO C 41 18.10 -10.07 -28.32
CA PRO C 41 18.95 -11.25 -28.28
C PRO C 41 19.83 -11.31 -27.02
N GLY C 42 19.90 -12.48 -26.39
CA GLY C 42 20.79 -12.80 -25.26
C GLY C 42 20.17 -12.55 -23.90
N GLY C 43 18.96 -11.98 -23.86
CA GLY C 43 18.28 -11.66 -22.58
C GLY C 43 17.47 -12.82 -22.00
N TYR C 44 16.75 -12.52 -20.92
CA TYR C 44 15.82 -13.41 -20.18
C TYR C 44 14.86 -14.16 -21.13
N VAL C 45 14.06 -13.44 -21.91
CA VAL C 45 12.98 -14.06 -22.76
C VAL C 45 13.64 -14.92 -23.85
N ASP C 46 14.72 -14.44 -24.47
CA ASP C 46 15.47 -15.23 -25.50
C ASP C 46 16.03 -16.50 -24.86
N SER C 47 16.63 -16.39 -23.67
CA SER C 47 17.25 -17.55 -22.97
C SER C 47 16.19 -18.59 -22.61
N MET C 48 14.91 -18.21 -22.45
CA MET C 48 13.82 -19.17 -22.13
C MET C 48 13.33 -19.84 -23.42
N GLY C 49 13.71 -19.31 -24.60
CA GLY C 49 13.45 -19.98 -25.89
C GLY C 49 12.21 -19.45 -26.61
N TYR C 50 11.66 -18.31 -26.17
CA TYR C 50 10.50 -17.65 -26.81
C TYR C 50 10.97 -16.86 -28.04
N ASP C 51 10.02 -16.61 -28.95
CA ASP C 51 10.25 -15.95 -30.26
C ASP C 51 10.21 -14.42 -30.06
N LEU C 52 11.38 -13.77 -30.16
CA LEU C 52 11.50 -12.29 -29.96
C LEU C 52 10.69 -11.50 -31.00
N SER C 53 10.34 -12.03 -32.17
CA SER C 53 9.56 -11.25 -33.17
C SER C 53 8.18 -10.91 -32.57
N LEU C 54 7.67 -11.74 -31.65
CA LEU C 54 6.35 -11.49 -31.00
C LEU C 54 6.43 -10.25 -30.09
N THR C 55 7.55 -10.06 -29.38
CA THR C 55 7.72 -8.95 -28.40
C THR C 55 8.25 -7.68 -29.10
N ARG C 56 9.01 -7.79 -30.18
CA ARG C 56 9.66 -6.63 -30.87
C ARG C 56 8.70 -5.89 -31.81
N SER C 57 7.61 -6.52 -32.27
CA SER C 57 6.74 -5.93 -33.33
C SER C 57 6.09 -4.62 -32.84
N GLY C 58 5.98 -4.41 -31.52
CA GLY C 58 5.34 -3.21 -30.95
C GLY C 58 6.31 -2.04 -30.78
N LEU C 59 7.60 -2.22 -31.06
CA LEU C 59 8.65 -1.18 -30.77
C LEU C 59 8.44 0.05 -31.66
N GLU C 60 8.39 -0.12 -32.99
CA GLU C 60 8.29 1.04 -33.91
C GLU C 60 6.96 1.75 -33.74
N PRO C 61 5.81 1.06 -33.61
CA PRO C 61 4.55 1.75 -33.33
C PRO C 61 4.62 2.55 -32.00
N THR C 62 5.28 1.99 -30.99
CA THR C 62 5.44 2.67 -29.68
C THR C 62 6.21 3.99 -29.89
N ALA C 63 7.28 3.96 -30.69
CA ALA C 63 8.09 5.19 -30.95
C ALA C 63 7.22 6.26 -31.61
N ARG C 64 6.31 5.92 -32.52
CA ARG C 64 5.40 6.90 -33.17
C ARG C 64 4.45 7.47 -32.12
N VAL C 65 3.93 6.64 -31.20
CA VAL C 65 2.99 7.14 -30.15
C VAL C 65 3.76 8.04 -29.15
N LEU C 66 4.99 7.68 -28.82
CA LEU C 66 5.88 8.46 -27.90
C LEU C 66 6.09 9.86 -28.50
N ALA C 67 6.35 9.94 -29.80
CA ALA C 67 6.50 11.24 -30.52
C ALA C 67 5.22 12.07 -30.39
N ALA C 68 4.04 11.47 -30.57
CA ALA C 68 2.74 12.17 -30.46
C ALA C 68 2.49 12.63 -29.02
N ALA C 69 2.85 11.83 -28.04
CA ALA C 69 2.67 12.19 -26.61
C ALA C 69 3.53 13.43 -26.29
N ARG C 70 4.78 13.42 -26.75
CA ARG C 70 5.73 14.54 -26.52
C ARG C 70 5.19 15.80 -27.21
N ASP C 71 4.63 15.69 -28.43
CA ASP C 71 4.08 16.85 -29.19
C ASP C 71 2.88 17.48 -28.47
N THR C 72 2.06 16.69 -27.76
CA THR C 72 0.81 17.17 -27.13
C THR C 72 1.07 17.62 -25.69
N GLY C 73 2.26 17.39 -25.14
CA GLY C 73 2.64 17.82 -23.78
C GLY C 73 2.06 16.91 -22.70
N MET C 74 1.68 15.68 -23.04
CA MET C 74 1.22 14.74 -21.98
C MET C 74 2.41 14.24 -21.17
N THR C 75 2.15 13.76 -19.94
CA THR C 75 3.15 13.08 -19.11
C THR C 75 3.61 11.79 -19.83
N VAL C 76 4.90 11.49 -19.72
CA VAL C 76 5.50 10.21 -20.16
C VAL C 76 6.25 9.56 -19.00
N ILE C 77 5.93 8.29 -18.70
CA ILE C 77 6.58 7.48 -17.64
C ILE C 77 7.06 6.18 -18.30
N HIS C 78 8.28 5.74 -17.96
CA HIS C 78 8.88 4.48 -18.45
C HIS C 78 9.01 3.50 -17.28
N THR C 79 8.96 2.18 -17.51
CA THR C 79 9.23 1.16 -16.46
C THR C 79 10.34 0.20 -16.90
N ARG C 80 11.10 -0.30 -15.94
CA ARG C 80 12.09 -1.38 -16.10
C ARG C 80 11.84 -2.42 -15.02
N GLU C 81 11.63 -3.68 -15.40
CA GLU C 81 11.59 -4.75 -14.38
C GLU C 81 13.02 -5.14 -14.04
N GLY C 82 13.33 -5.32 -12.78
CA GLY C 82 14.69 -5.68 -12.36
C GLY C 82 14.86 -5.73 -10.87
N HIS C 83 16.00 -6.25 -10.43
CA HIS C 83 16.29 -6.50 -9.01
C HIS C 83 17.54 -5.75 -8.56
N ARG C 84 17.55 -5.33 -7.30
CA ARG C 84 18.77 -4.92 -6.59
C ARG C 84 19.85 -5.98 -6.82
N PRO C 85 21.11 -5.58 -7.12
CA PRO C 85 22.20 -6.56 -7.23
C PRO C 85 22.38 -7.52 -6.04
N ASP C 86 21.98 -7.16 -4.81
CA ASP C 86 22.03 -8.08 -3.64
C ASP C 86 20.81 -9.04 -3.58
N LEU C 87 19.86 -8.89 -4.52
CA LEU C 87 18.65 -9.76 -4.68
C LEU C 87 17.76 -9.72 -3.41
N ALA C 88 17.78 -8.65 -2.62
CA ALA C 88 16.97 -8.53 -1.39
C ALA C 88 15.47 -8.38 -1.73
N ASP C 89 15.15 -7.96 -2.97
CA ASP C 89 13.77 -7.76 -3.49
C ASP C 89 13.33 -8.94 -4.38
N LEU C 90 14.00 -10.10 -4.31
CA LEU C 90 13.70 -11.25 -5.19
C LEU C 90 13.03 -12.35 -4.37
N PRO C 91 11.71 -12.56 -4.51
CA PRO C 91 11.09 -13.71 -3.84
C PRO C 91 11.67 -15.04 -4.30
N PRO C 92 11.85 -16.01 -3.39
CA PRO C 92 12.43 -17.30 -3.76
C PRO C 92 11.60 -18.05 -4.82
N ASN C 93 10.28 -17.89 -4.84
CA ASN C 93 9.48 -18.60 -5.88
C ASN C 93 9.77 -18.02 -7.28
N LYS C 94 9.88 -16.71 -7.42
CA LYS C 94 10.20 -16.06 -8.70
C LYS C 94 11.58 -16.57 -9.18
N ARG C 95 12.55 -16.64 -8.28
CA ARG C 95 13.92 -17.13 -8.59
C ARG C 95 13.86 -18.58 -9.07
N TRP C 96 13.18 -19.45 -8.33
CA TRP C 96 13.11 -20.91 -8.61
C TRP C 96 12.47 -21.15 -9.99
N ARG C 97 11.40 -20.42 -10.33
CA ARG C 97 10.70 -20.61 -11.62
C ARG C 97 11.65 -20.16 -12.75
N SER C 98 12.38 -19.06 -12.57
CA SER C 98 13.30 -18.53 -13.60
C SER C 98 14.41 -19.58 -13.85
N ALA C 99 14.88 -20.27 -12.82
CA ALA C 99 15.91 -21.35 -12.98
C ALA C 99 15.30 -22.53 -13.73
N SER C 100 14.07 -22.90 -13.39
CA SER C 100 13.35 -24.05 -14.02
C SER C 100 13.16 -23.76 -15.53
N ALA C 101 13.01 -22.50 -15.90
CA ALA C 101 12.79 -22.08 -17.30
C ALA C 101 14.13 -21.91 -18.05
N GLY C 102 15.27 -22.09 -17.38
CA GLY C 102 16.62 -22.06 -17.99
C GLY C 102 17.23 -20.67 -18.07
N ALA C 103 16.78 -19.73 -17.23
CA ALA C 103 17.25 -18.33 -17.25
C ALA C 103 17.14 -17.73 -15.83
N GLU C 104 17.90 -18.27 -14.89
CA GLU C 104 17.80 -17.88 -13.45
C GLU C 104 18.13 -16.39 -13.29
N ILE C 105 17.24 -15.66 -12.64
CA ILE C 105 17.50 -14.24 -12.25
C ILE C 105 18.81 -14.17 -11.45
N GLY C 106 19.69 -13.25 -11.83
CA GLY C 106 21.00 -13.00 -11.19
C GLY C 106 22.12 -13.82 -11.81
N SER C 107 21.81 -14.87 -12.56
CA SER C 107 22.83 -15.72 -13.24
C SER C 107 23.44 -14.94 -14.43
N VAL C 108 24.70 -15.25 -14.76
CA VAL C 108 25.44 -14.53 -15.84
C VAL C 108 25.07 -15.13 -17.21
N GLY C 109 24.61 -14.28 -18.11
CA GLY C 109 24.27 -14.63 -19.50
C GLY C 109 24.97 -13.67 -20.45
N PRO C 110 24.68 -13.77 -21.76
CA PRO C 110 25.31 -12.92 -22.77
C PRO C 110 25.17 -11.40 -22.54
N CYS C 111 24.17 -10.94 -21.76
CA CYS C 111 23.94 -9.49 -21.52
C CYS C 111 24.10 -9.17 -20.02
N GLY C 112 24.93 -9.92 -19.31
CA GLY C 112 25.23 -9.72 -17.86
C GLY C 112 24.29 -10.52 -16.97
N ARG C 113 24.15 -10.12 -15.70
CA ARG C 113 23.27 -10.82 -14.74
C ARG C 113 21.80 -10.56 -15.12
N ILE C 114 21.04 -11.64 -15.31
CA ILE C 114 19.65 -11.62 -15.84
C ILE C 114 18.74 -10.83 -14.87
N LEU C 115 18.06 -9.81 -15.39
CA LEU C 115 17.06 -8.94 -14.68
C LEU C 115 17.67 -8.30 -13.43
N VAL C 116 18.97 -7.96 -13.47
CA VAL C 116 19.63 -7.20 -12.38
C VAL C 116 19.85 -5.75 -12.83
N ARG C 117 19.48 -4.81 -11.96
CA ARG C 117 19.58 -3.36 -12.23
C ARG C 117 21.06 -3.01 -12.50
N GLY C 118 21.29 -2.23 -13.55
CA GLY C 118 22.62 -1.75 -13.97
C GLY C 118 23.26 -2.59 -15.06
N GLU C 119 22.68 -3.74 -15.40
CA GLU C 119 23.23 -4.71 -16.39
C GLU C 119 22.78 -4.32 -17.81
N PRO C 120 23.59 -4.65 -18.85
CA PRO C 120 23.22 -4.34 -20.23
C PRO C 120 21.82 -4.82 -20.68
N GLY C 121 21.42 -6.04 -20.31
CA GLY C 121 20.13 -6.61 -20.72
C GLY C 121 18.95 -5.89 -20.07
N TRP C 122 19.20 -5.16 -18.98
CA TRP C 122 18.15 -4.45 -18.20
C TRP C 122 17.88 -3.05 -18.76
N GLU C 123 18.80 -2.46 -19.52
CA GLU C 123 18.63 -1.09 -20.03
C GLU C 123 17.42 -0.96 -20.96
N ILE C 124 16.81 0.20 -20.99
CA ILE C 124 15.77 0.56 -21.99
C ILE C 124 16.45 0.63 -23.37
N VAL C 125 15.83 0.01 -24.37
CA VAL C 125 16.41 -0.02 -25.75
C VAL C 125 16.36 1.38 -26.35
N PRO C 126 17.34 1.73 -27.21
CA PRO C 126 17.42 3.09 -27.72
C PRO C 126 16.25 3.60 -28.58
N GLU C 127 15.49 2.71 -29.25
CA GLU C 127 14.33 3.09 -30.09
C GLU C 127 13.30 3.89 -29.28
N VAL C 128 13.23 3.68 -27.95
CA VAL C 128 12.26 4.40 -27.06
C VAL C 128 13.02 4.99 -25.85
N ALA C 129 14.20 5.56 -26.08
CA ALA C 129 15.03 6.21 -25.03
C ALA C 129 14.23 7.30 -24.32
N PRO C 130 14.29 7.34 -22.96
CA PRO C 130 13.66 8.41 -22.20
C PRO C 130 14.37 9.76 -22.43
N ARG C 131 13.64 10.84 -22.18
CA ARG C 131 14.15 12.23 -22.10
C ARG C 131 14.06 12.69 -20.64
N GLU C 132 14.85 13.70 -20.28
CA GLU C 132 14.71 14.38 -18.97
C GLU C 132 13.25 14.85 -18.79
N GLY C 133 12.71 14.65 -17.57
CA GLY C 133 11.32 15.01 -17.24
C GLY C 133 10.32 13.88 -17.52
N GLU C 134 10.83 12.70 -17.88
CA GLU C 134 10.00 11.48 -18.12
C GLU C 134 10.44 10.43 -17.11
N PRO C 135 9.81 10.36 -15.92
CA PRO C 135 10.34 9.52 -14.84
C PRO C 135 10.38 8.04 -15.20
N ILE C 136 11.42 7.37 -14.74
CA ILE C 136 11.57 5.88 -14.90
C ILE C 136 11.27 5.18 -13.57
N ILE C 137 10.37 4.18 -13.63
CA ILE C 137 10.00 3.28 -12.52
C ILE C 137 10.86 2.01 -12.56
N ASP C 138 11.50 1.68 -11.44
CA ASP C 138 12.22 0.39 -11.26
C ASP C 138 11.33 -0.53 -10.40
N LYS C 139 10.74 -1.54 -11.03
CA LYS C 139 9.75 -2.44 -10.36
C LYS C 139 10.35 -3.83 -10.18
N PRO C 140 10.23 -4.43 -8.98
CA PRO C 140 10.67 -5.81 -8.72
C PRO C 140 9.61 -6.86 -9.07
N GLY C 141 8.39 -6.40 -9.35
CA GLY C 141 7.24 -7.28 -9.69
C GLY C 141 6.74 -7.02 -11.10
N LYS C 142 5.65 -7.69 -11.46
CA LYS C 142 4.99 -7.54 -12.78
C LYS C 142 4.21 -6.22 -12.82
N GLY C 143 3.46 -5.90 -11.77
CA GLY C 143 2.71 -4.64 -11.69
C GLY C 143 3.60 -3.48 -11.32
N ALA C 144 3.46 -2.35 -12.00
CA ALA C 144 4.36 -1.19 -11.82
C ALA C 144 4.04 -0.43 -10.52
N PHE C 145 2.91 -0.69 -9.85
CA PHE C 145 2.55 0.04 -8.60
C PHE C 145 3.22 -0.60 -7.38
N TYR C 146 3.31 -1.93 -7.31
CA TYR C 146 3.75 -2.63 -6.08
C TYR C 146 5.25 -2.36 -5.81
N ALA C 147 5.56 -1.90 -4.60
CA ALA C 147 6.95 -1.72 -4.10
C ALA C 147 7.65 -0.61 -4.88
N THR C 148 6.92 0.33 -5.47
CA THR C 148 7.47 1.51 -6.19
C THR C 148 6.85 2.84 -5.70
N ASP C 149 7.28 3.94 -6.30
CA ASP C 149 6.72 5.29 -6.07
C ASP C 149 5.78 5.71 -7.21
N LEU C 150 5.27 4.79 -8.06
CA LEU C 150 4.47 5.22 -9.24
C LEU C 150 3.23 6.01 -8.81
N ASP C 151 2.48 5.52 -7.82
CA ASP C 151 1.21 6.18 -7.44
C ASP C 151 1.54 7.60 -6.93
N LEU C 152 2.63 7.78 -6.17
CA LEU C 152 3.03 9.13 -5.72
C LEU C 152 3.33 10.02 -6.95
N LEU C 153 4.08 9.53 -7.95
CA LEU C 153 4.41 10.38 -9.14
C LEU C 153 3.10 10.80 -9.85
N LEU C 154 2.17 9.87 -10.06
CA LEU C 154 0.91 10.15 -10.79
C LEU C 154 0.05 11.14 -10.02
N ARG C 155 -0.12 10.97 -8.70
CA ARG C 155 -1.03 11.85 -7.91
C ARG C 155 -0.40 13.25 -7.81
N THR C 156 0.92 13.35 -7.73
CA THR C 156 1.62 14.68 -7.64
C THR C 156 1.37 15.47 -8.91
N ARG C 157 1.33 14.81 -10.08
CA ARG C 157 1.09 15.46 -11.41
C ARG C 157 -0.41 15.61 -11.73
N GLY C 158 -1.32 15.11 -10.89
CA GLY C 158 -2.77 15.19 -11.15
C GLY C 158 -3.23 14.27 -12.29
N ILE C 159 -2.53 13.16 -12.54
CA ILE C 159 -2.89 12.21 -13.63
C ILE C 159 -4.15 11.42 -13.22
N THR C 160 -5.10 11.31 -14.14
CA THR C 160 -6.36 10.52 -13.99
C THR C 160 -6.49 9.47 -15.09
N HIS C 161 -5.80 9.61 -16.22
CA HIS C 161 -5.96 8.78 -17.45
C HIS C 161 -4.59 8.21 -17.86
N LEU C 162 -4.54 6.94 -18.23
CA LEU C 162 -3.28 6.27 -18.65
C LEU C 162 -3.48 5.67 -20.04
N ILE C 163 -2.44 5.77 -20.87
CA ILE C 163 -2.35 5.09 -22.19
C ILE C 163 -1.18 4.12 -22.06
N LEU C 164 -1.42 2.83 -22.28
CA LEU C 164 -0.43 1.78 -21.98
C LEU C 164 0.14 1.17 -23.26
N THR C 165 1.47 1.05 -23.27
CA THR C 165 2.29 0.34 -24.28
C THR C 165 3.31 -0.50 -23.55
N GLY C 166 3.94 -1.44 -24.27
CA GLY C 166 5.05 -2.23 -23.73
C GLY C 166 4.72 -3.70 -23.62
N ILE C 167 5.51 -4.42 -22.85
CA ILE C 167 5.55 -5.91 -22.94
C ILE C 167 5.70 -6.51 -21.55
N THR C 168 5.10 -7.68 -21.32
CA THR C 168 4.23 -8.37 -22.27
C THR C 168 2.75 -8.06 -21.95
N THR C 169 1.87 -8.21 -22.94
CA THR C 169 0.46 -7.81 -22.87
C THR C 169 -0.21 -8.49 -21.69
N ASP C 170 0.05 -9.79 -21.53
CA ASP C 170 -0.66 -10.63 -20.54
C ASP C 170 0.02 -10.60 -19.17
N VAL C 171 1.27 -10.18 -19.06
CA VAL C 171 1.99 -10.21 -17.74
C VAL C 171 2.13 -8.78 -17.20
N SER C 172 3.24 -8.07 -17.49
CA SER C 172 3.50 -6.74 -16.88
C SER C 172 2.44 -5.69 -17.29
N VAL C 173 2.02 -5.66 -18.54
CA VAL C 173 1.08 -4.61 -19.01
C VAL C 173 -0.28 -4.84 -18.34
N HIS C 174 -0.82 -6.05 -18.42
CA HIS C 174 -2.13 -6.36 -17.82
C HIS C 174 -2.08 -6.14 -16.31
N THR C 175 -1.02 -6.57 -15.61
CA THR C 175 -0.97 -6.43 -14.13
C THR C 175 -1.04 -4.93 -13.78
N THR C 176 -0.28 -4.09 -14.49
CA THR C 176 -0.26 -2.61 -14.27
C THR C 176 -1.64 -2.01 -14.58
N MET C 177 -2.31 -2.47 -15.64
CA MET C 177 -3.67 -1.99 -16.02
C MET C 177 -4.67 -2.34 -14.90
N ARG C 178 -4.61 -3.57 -14.38
CA ARG C 178 -5.55 -4.03 -13.33
C ARG C 178 -5.33 -3.22 -12.05
N GLU C 179 -4.08 -3.00 -11.65
CA GLU C 179 -3.70 -2.21 -10.44
C GLU C 179 -4.23 -0.76 -10.57
N ALA C 180 -3.97 -0.13 -11.73
CA ALA C 180 -4.41 1.29 -11.98
C ALA C 180 -5.94 1.37 -11.97
N ASN C 181 -6.59 0.44 -12.65
CA ASN C 181 -8.07 0.42 -12.77
C ASN C 181 -8.74 0.32 -11.39
N ASP C 182 -8.21 -0.48 -10.48
CA ASP C 182 -8.84 -0.66 -9.13
C ASP C 182 -8.76 0.67 -8.35
N ARG C 183 -7.75 1.50 -8.59
CA ARG C 183 -7.57 2.82 -7.94
C ARG C 183 -8.47 3.88 -8.59
N GLY C 184 -9.08 3.57 -9.72
CA GLY C 184 -10.00 4.46 -10.46
C GLY C 184 -9.35 5.19 -11.63
N TYR C 185 -8.09 4.91 -11.98
CA TYR C 185 -7.48 5.43 -13.23
C TYR C 185 -8.27 4.88 -14.43
N GLU C 186 -8.46 5.74 -15.45
CA GLU C 186 -9.13 5.39 -16.72
C GLU C 186 -8.04 5.02 -17.76
N CYS C 187 -8.02 3.77 -18.24
CA CYS C 187 -6.87 3.19 -18.99
C CYS C 187 -7.27 2.74 -20.40
N LEU C 188 -6.38 3.02 -21.36
CA LEU C 188 -6.46 2.56 -22.78
C LEU C 188 -5.21 1.72 -23.04
N ILE C 189 -5.38 0.54 -23.64
CA ILE C 189 -4.25 -0.34 -24.01
C ILE C 189 -4.17 -0.37 -25.55
N LEU C 190 -3.00 -0.10 -26.11
CA LEU C 190 -2.80 -0.06 -27.59
C LEU C 190 -2.40 -1.45 -28.10
N SER C 191 -3.23 -2.01 -28.98
CA SER C 191 -3.14 -3.40 -29.49
C SER C 191 -1.86 -3.64 -30.32
N ASP C 192 -1.39 -2.62 -31.05
CA ASP C 192 -0.23 -2.74 -31.95
C ASP C 192 1.07 -2.31 -31.27
N CYS C 193 1.02 -1.79 -30.05
CA CYS C 193 2.19 -1.32 -29.26
C CYS C 193 2.49 -2.23 -28.05
N THR C 194 1.91 -3.44 -28.04
CA THR C 194 2.11 -4.47 -26.97
C THR C 194 2.37 -5.79 -27.69
N GLY C 195 2.76 -6.82 -26.95
CA GLY C 195 3.00 -8.16 -27.51
C GLY C 195 3.29 -9.13 -26.38
N ALA C 196 3.21 -10.42 -26.66
CA ALA C 196 3.33 -11.49 -25.63
C ALA C 196 4.22 -12.65 -26.12
N THR C 197 4.55 -13.58 -25.23
CA THR C 197 5.32 -14.80 -25.56
C THR C 197 4.47 -15.77 -26.40
N ASP C 198 3.16 -15.56 -26.49
CA ASP C 198 2.20 -16.38 -27.28
C ASP C 198 1.15 -15.48 -27.94
N ARG C 199 0.95 -15.54 -29.25
CA ARG C 199 0.00 -14.67 -29.97
C ARG C 199 -1.42 -14.85 -29.44
N LYS C 200 -1.83 -16.08 -29.11
CA LYS C 200 -3.19 -16.37 -28.58
C LYS C 200 -3.36 -15.67 -27.22
N HIS C 201 -2.32 -15.63 -26.39
CA HIS C 201 -2.38 -14.90 -25.09
C HIS C 201 -2.45 -13.38 -25.31
N HIS C 202 -1.70 -12.82 -26.27
CA HIS C 202 -1.83 -11.38 -26.65
C HIS C 202 -3.30 -11.10 -27.03
N GLU C 203 -3.89 -11.89 -27.93
CA GLU C 203 -5.26 -11.63 -28.42
C GLU C 203 -6.26 -11.78 -27.27
N ALA C 204 -6.12 -12.82 -26.42
CA ALA C 204 -7.05 -13.05 -25.29
C ALA C 204 -6.91 -11.92 -24.25
N ALA C 205 -5.70 -11.45 -23.99
CA ALA C 205 -5.47 -10.36 -23.01
C ALA C 205 -6.23 -9.11 -23.47
N LEU C 206 -6.21 -8.80 -24.77
CA LEU C 206 -6.96 -7.63 -25.30
C LEU C 206 -8.47 -7.85 -25.15
N SER C 207 -9.01 -9.01 -25.55
CA SER C 207 -10.46 -9.31 -25.53
C SER C 207 -10.98 -9.28 -24.06
N MET C 208 -10.18 -9.74 -23.09
CA MET C 208 -10.58 -9.69 -21.65
C MET C 208 -10.93 -8.27 -21.18
N VAL C 209 -10.24 -7.26 -21.69
CA VAL C 209 -10.45 -5.84 -21.29
C VAL C 209 -11.89 -5.41 -21.65
N THR C 210 -12.42 -5.94 -22.77
CA THR C 210 -13.61 -5.41 -23.48
C THR C 210 -14.92 -5.91 -22.88
N MET C 211 -14.89 -6.90 -22.00
CA MET C 211 -16.12 -7.52 -21.44
C MET C 211 -16.82 -6.58 -20.43
N GLN C 212 -18.11 -6.81 -20.14
CA GLN C 212 -18.85 -6.13 -19.06
C GLN C 212 -18.82 -4.60 -19.27
N GLY C 213 -18.87 -4.13 -20.52
CA GLY C 213 -18.86 -2.68 -20.80
C GLY C 213 -17.47 -2.09 -20.75
N GLY C 214 -16.43 -2.91 -20.68
CA GLY C 214 -15.03 -2.47 -20.61
C GLY C 214 -14.46 -2.60 -19.21
N VAL C 215 -14.39 -3.81 -18.70
CA VAL C 215 -14.17 -4.07 -17.24
C VAL C 215 -12.85 -3.45 -16.78
N PHE C 216 -11.79 -3.43 -17.63
CA PHE C 216 -10.47 -2.85 -17.25
C PHE C 216 -10.17 -1.54 -18.01
N GLY C 217 -11.09 -1.09 -18.85
CA GLY C 217 -10.88 0.08 -19.74
C GLY C 217 -11.27 -0.26 -21.15
N ALA C 218 -10.48 0.18 -22.15
CA ALA C 218 -10.75 -0.09 -23.57
C ALA C 218 -9.43 -0.39 -24.30
N THR C 219 -9.55 -0.93 -25.52
CA THR C 219 -8.44 -1.23 -26.45
C THR C 219 -8.57 -0.33 -27.69
N ALA C 220 -7.45 -0.06 -28.33
CA ALA C 220 -7.43 0.70 -29.61
C ALA C 220 -6.15 0.40 -30.38
N HIS C 221 -6.17 0.63 -31.70
CA HIS C 221 -4.96 0.68 -32.53
C HIS C 221 -4.35 2.10 -32.44
N SER C 222 -3.02 2.22 -32.46
CA SER C 222 -2.32 3.53 -32.38
C SER C 222 -2.86 4.46 -33.47
N ASP C 223 -3.26 3.95 -34.66
CA ASP C 223 -3.83 4.84 -35.72
C ASP C 223 -5.02 5.65 -35.17
N ASP C 224 -5.89 5.03 -34.37
CA ASP C 224 -7.12 5.70 -33.86
C ASP C 224 -6.73 6.73 -32.76
N LEU C 225 -5.68 6.48 -31.98
CA LEU C 225 -5.19 7.49 -30.98
C LEU C 225 -4.62 8.69 -31.75
N LEU C 226 -3.73 8.44 -32.72
CA LEU C 226 -3.08 9.53 -33.49
C LEU C 226 -4.14 10.35 -34.23
N ALA C 227 -5.23 9.75 -34.73
CA ALA C 227 -6.35 10.48 -35.36
C ALA C 227 -7.01 11.44 -34.36
N ALA C 228 -7.26 11.00 -33.13
CA ALA C 228 -7.87 11.84 -32.07
C ALA C 228 -6.95 13.00 -31.69
N LEU C 229 -5.64 12.79 -31.70
CA LEU C 229 -4.62 13.78 -31.28
C LEU C 229 -4.33 14.76 -32.43
N GLY C 230 -4.93 14.54 -33.60
CA GLY C 230 -4.77 15.38 -34.80
C GLY C 230 -3.34 15.36 -35.34
N THR C 231 -2.56 14.32 -35.06
CA THR C 231 -1.17 14.20 -35.60
C THR C 231 -1.24 13.84 -37.09
N MET D 4 23.41 -17.88 19.94
CA MET D 4 22.63 -17.84 18.67
C MET D 4 21.22 -17.25 18.87
N ILE D 5 20.55 -17.45 20.03
CA ILE D 5 19.39 -16.61 20.47
C ILE D 5 19.76 -15.87 21.77
N TYR D 6 19.32 -14.61 21.88
CA TYR D 6 19.76 -13.69 22.97
C TYR D 6 18.59 -13.36 23.88
N SER D 7 18.89 -12.93 25.10
CA SER D 7 17.87 -12.60 26.14
C SER D 7 17.20 -11.27 25.80
N THR D 8 16.20 -10.90 26.60
CA THR D 8 15.49 -9.60 26.52
C THR D 8 16.42 -8.45 26.91
N VAL D 9 16.05 -7.26 26.47
CA VAL D 9 16.69 -5.94 26.77
C VAL D 9 15.91 -5.31 27.92
N ASN D 10 16.62 -4.82 28.93
CA ASN D 10 16.05 -3.96 30.01
C ASN D 10 15.57 -2.66 29.34
N ALA D 11 14.27 -2.53 29.13
CA ALA D 11 13.68 -1.47 28.28
C ALA D 11 12.46 -0.88 28.99
N ASN D 12 11.97 0.22 28.44
CA ASN D 12 10.81 0.97 28.98
C ASN D 12 9.68 0.88 27.97
N PRO D 13 8.49 0.33 28.31
CA PRO D 13 8.09 -0.05 29.67
C PRO D 13 8.04 -1.55 30.00
N TYR D 14 8.59 -2.40 29.12
CA TYR D 14 8.62 -3.86 29.28
C TYR D 14 9.98 -4.42 28.81
N ALA D 15 10.38 -5.57 29.34
CA ALA D 15 11.57 -6.32 28.86
C ALA D 15 11.33 -6.71 27.39
N TRP D 16 12.12 -6.16 26.49
CA TRP D 16 11.87 -6.25 25.02
C TRP D 16 12.68 -7.39 24.44
N PRO D 17 12.15 -8.19 23.49
CA PRO D 17 10.78 -8.04 22.95
C PRO D 17 9.68 -8.83 23.69
N TYR D 18 8.41 -8.60 23.33
CA TYR D 18 7.22 -9.19 24.01
C TYR D 18 7.27 -10.72 24.04
N ASP D 19 7.92 -11.35 23.07
CA ASP D 19 7.91 -12.83 22.89
C ASP D 19 9.13 -13.47 23.59
N GLY D 20 9.98 -12.67 24.25
CA GLY D 20 10.89 -13.18 25.31
C GLY D 20 12.31 -13.51 24.86
N SER D 21 12.70 -13.27 23.60
CA SER D 21 14.09 -13.48 23.12
C SER D 21 14.31 -12.80 21.77
N ILE D 22 15.59 -12.56 21.43
CA ILE D 22 16.02 -11.90 20.17
C ILE D 22 16.69 -12.94 19.28
N ASP D 23 16.12 -13.16 18.10
CA ASP D 23 16.67 -14.07 17.07
C ASP D 23 17.19 -13.22 15.93
N PRO D 24 18.53 -13.18 15.71
CA PRO D 24 19.09 -12.41 14.60
C PRO D 24 18.53 -12.74 13.22
N ALA D 25 18.09 -13.98 13.01
CA ALA D 25 17.51 -14.44 11.73
C ALA D 25 16.18 -13.70 11.45
N HIS D 26 15.57 -13.08 12.45
CA HIS D 26 14.22 -12.46 12.30
C HIS D 26 14.25 -10.99 12.78
N THR D 27 15.44 -10.43 12.95
CA THR D 27 15.63 -9.07 13.51
C THR D 27 16.46 -8.23 12.54
N ALA D 28 16.07 -6.97 12.32
CA ALA D 28 16.82 -6.00 11.48
C ALA D 28 17.12 -4.75 12.31
N LEU D 29 18.35 -4.26 12.20
CA LEU D 29 18.76 -2.91 12.63
C LEU D 29 18.49 -1.96 11.47
N ILE D 30 17.76 -0.86 11.73
CA ILE D 30 17.47 0.18 10.70
C ILE D 30 18.25 1.44 11.09
N LEU D 31 19.05 1.96 10.16
CA LEU D 31 19.78 3.24 10.33
C LEU D 31 19.10 4.30 9.46
N ILE D 32 18.45 5.27 10.10
CA ILE D 32 17.57 6.24 9.38
C ILE D 32 18.29 7.58 9.16
N ASP D 33 18.61 7.88 7.91
CA ASP D 33 18.92 9.26 7.39
C ASP D 33 20.14 9.88 8.07
N TRP D 34 21.20 9.10 8.29
CA TRP D 34 22.52 9.62 8.75
C TRP D 34 23.22 10.30 7.56
N GLN D 35 22.73 11.47 7.14
CA GLN D 35 23.15 12.22 5.93
C GLN D 35 23.63 13.62 6.36
N ILE D 36 24.54 14.25 5.62
CA ILE D 36 24.90 15.68 5.89
C ILE D 36 23.64 16.56 5.92
N ASP D 37 22.66 16.28 5.07
CA ASP D 37 21.43 17.13 5.04
C ASP D 37 20.76 17.16 6.44
N PHE D 38 20.91 16.14 7.28
CA PHE D 38 20.27 16.11 8.62
C PHE D 38 21.27 16.35 9.75
N CYS D 39 22.59 16.16 9.56
CA CYS D 39 23.54 16.21 10.72
C CYS D 39 24.89 16.85 10.38
N GLY D 40 25.05 17.47 9.22
CA GLY D 40 26.35 18.03 8.84
C GLY D 40 26.30 19.50 8.41
N PRO D 41 27.45 20.19 8.51
CA PRO D 41 27.56 21.57 8.04
C PRO D 41 27.18 21.74 6.57
N GLY D 42 26.37 22.76 6.27
CA GLY D 42 26.05 23.21 4.89
C GLY D 42 24.81 22.55 4.32
N GLY D 43 24.21 21.60 5.04
CA GLY D 43 23.03 20.86 4.57
C GLY D 43 21.71 21.55 4.91
N TYR D 44 20.61 20.84 4.65
CA TYR D 44 19.19 21.24 4.90
C TYR D 44 19.01 21.75 6.35
N VAL D 45 19.29 20.92 7.35
CA VAL D 45 19.01 21.24 8.78
C VAL D 45 19.87 22.44 9.20
N ASP D 46 21.15 22.48 8.82
CA ASP D 46 22.05 23.63 9.11
C ASP D 46 21.51 24.92 8.46
N SER D 47 21.07 24.84 7.20
CA SER D 47 20.55 26.00 6.46
C SER D 47 19.26 26.55 7.11
N MET D 48 18.50 25.71 7.83
CA MET D 48 17.26 26.16 8.55
C MET D 48 17.64 26.79 9.90
N GLY D 49 18.88 26.61 10.35
CA GLY D 49 19.42 27.32 11.54
C GLY D 49 19.36 26.49 12.82
N TYR D 50 19.12 25.17 12.73
CA TYR D 50 19.05 24.27 13.91
C TYR D 50 20.49 23.87 14.36
N ASP D 51 20.60 23.42 15.61
CA ASP D 51 21.86 23.04 16.29
C ASP D 51 22.25 21.59 15.91
N LEU D 52 23.28 21.44 15.07
CA LEU D 52 23.74 20.11 14.58
C LEU D 52 24.24 19.21 15.72
N SER D 53 24.68 19.74 16.87
CA SER D 53 25.17 18.86 17.97
C SER D 53 24.02 17.98 18.48
N LEU D 54 22.77 18.43 18.32
CA LEU D 54 21.58 17.66 18.77
C LEU D 54 21.39 16.43 17.90
N THR D 55 21.66 16.53 16.58
CA THR D 55 21.45 15.41 15.61
C THR D 55 22.71 14.52 15.53
N ARG D 56 23.91 15.05 15.76
CA ARG D 56 25.19 14.30 15.58
C ARG D 56 25.53 13.42 16.79
N SER D 57 25.01 13.71 17.98
CA SER D 57 25.43 13.03 19.24
C SER D 57 25.14 11.52 19.18
N GLY D 58 24.21 11.07 18.31
CA GLY D 58 23.84 9.65 18.20
C GLY D 58 24.73 8.87 17.23
N LEU D 59 25.66 9.53 16.55
CA LEU D 59 26.49 8.88 15.49
C LEU D 59 27.44 7.84 16.11
N GLU D 60 28.25 8.19 17.13
CA GLU D 60 29.24 7.24 17.72
C GLU D 60 28.52 6.04 18.36
N PRO D 61 27.44 6.24 19.16
CA PRO D 61 26.69 5.11 19.73
C PRO D 61 26.12 4.22 18.61
N THR D 62 25.65 4.83 17.52
CA THR D 62 25.06 4.06 16.38
C THR D 62 26.16 3.17 15.78
N ALA D 63 27.38 3.67 15.62
CA ALA D 63 28.49 2.88 15.04
C ALA D 63 28.76 1.64 15.91
N ARG D 64 28.71 1.76 17.24
CA ARG D 64 28.96 0.61 18.13
C ARG D 64 27.81 -0.39 18.01
N VAL D 65 26.55 0.07 17.89
CA VAL D 65 25.39 -0.87 17.71
C VAL D 65 25.48 -1.57 16.33
N LEU D 66 25.89 -0.85 15.30
CA LEU D 66 26.06 -1.38 13.92
C LEU D 66 27.08 -2.52 13.96
N ALA D 67 28.20 -2.32 14.67
CA ALA D 67 29.26 -3.36 14.86
C ALA D 67 28.66 -4.59 15.54
N ALA D 68 27.82 -4.42 16.57
CA ALA D 68 27.18 -5.54 17.32
C ALA D 68 26.18 -6.28 16.41
N ALA D 69 25.42 -5.56 15.60
CA ALA D 69 24.45 -6.18 14.67
C ALA D 69 25.22 -7.05 13.66
N ARG D 70 26.29 -6.53 13.10
CA ARG D 70 27.12 -7.25 12.10
C ARG D 70 27.72 -8.51 12.75
N ASP D 71 28.20 -8.43 14.00
CA ASP D 71 28.84 -9.56 14.72
C ASP D 71 27.82 -10.69 14.96
N THR D 72 26.54 -10.36 15.22
CA THR D 72 25.50 -11.36 15.58
C THR D 72 24.77 -11.86 14.33
N GLY D 73 25.01 -11.29 13.16
CA GLY D 73 24.40 -11.73 11.88
C GLY D 73 22.95 -11.26 11.73
N MET D 74 22.55 -10.19 12.42
CA MET D 74 21.25 -9.51 12.17
C MET D 74 21.22 -8.92 10.75
N THR D 75 20.02 -8.74 10.19
CA THR D 75 19.82 -7.92 8.98
C THR D 75 20.13 -6.47 9.32
N VAL D 76 20.73 -5.73 8.39
CA VAL D 76 20.98 -4.27 8.50
C VAL D 76 20.41 -3.56 7.29
N ILE D 77 19.54 -2.57 7.51
CA ILE D 77 18.94 -1.74 6.43
C ILE D 77 19.23 -0.28 6.75
N HIS D 78 19.61 0.49 5.72
CA HIS D 78 19.90 1.93 5.83
C HIS D 78 18.82 2.73 5.07
N THR D 79 18.51 3.95 5.48
CA THR D 79 17.59 4.84 4.70
C THR D 79 18.26 6.18 4.39
N ARG D 80 17.89 6.76 3.26
CA ARG D 80 18.25 8.13 2.84
C ARG D 80 16.98 8.84 2.41
N GLU D 81 16.65 9.98 3.01
CA GLU D 81 15.54 10.82 2.50
C GLU D 81 16.07 11.61 1.31
N GLY D 82 15.30 11.68 0.24
CA GLY D 82 15.72 12.45 -0.94
C GLY D 82 14.79 12.31 -2.10
N HIS D 83 15.03 13.11 -3.13
CA HIS D 83 14.12 13.23 -4.30
C HIS D 83 14.85 12.92 -5.60
N ARG D 84 14.13 12.32 -6.54
CA ARG D 84 14.53 12.26 -7.96
C ARG D 84 14.99 13.64 -8.40
N PRO D 85 16.14 13.77 -9.11
CA PRO D 85 16.56 15.08 -9.61
C PRO D 85 15.52 15.87 -10.42
N ASP D 86 14.54 15.22 -11.08
CA ASP D 86 13.44 15.89 -11.81
C ASP D 86 12.32 16.35 -10.85
N LEU D 87 12.43 16.04 -9.54
CA LEU D 87 11.46 16.40 -8.46
C LEU D 87 10.05 15.84 -8.73
N ALA D 88 9.90 14.74 -9.47
CA ALA D 88 8.58 14.14 -9.78
C ALA D 88 7.93 13.54 -8.52
N ASP D 89 8.71 13.24 -7.49
CA ASP D 89 8.26 12.65 -6.20
C ASP D 89 8.19 13.73 -5.10
N LEU D 90 8.18 15.01 -5.44
CA LEU D 90 8.18 16.11 -4.42
C LEU D 90 6.80 16.76 -4.36
N PRO D 91 5.99 16.52 -3.30
CA PRO D 91 4.72 17.22 -3.18
C PRO D 91 4.94 18.73 -3.07
N PRO D 92 4.09 19.55 -3.73
CA PRO D 92 4.27 21.00 -3.69
C PRO D 92 4.21 21.58 -2.26
N ASN D 93 3.43 20.99 -1.35
CA ASN D 93 3.41 21.52 0.04
C ASN D 93 4.78 21.30 0.73
N LYS D 94 5.39 20.12 0.59
CA LYS D 94 6.73 19.85 1.16
C LYS D 94 7.75 20.90 0.61
N ARG D 95 7.73 21.14 -0.67
CA ARG D 95 8.63 22.12 -1.36
C ARG D 95 8.40 23.53 -0.76
N TRP D 96 7.15 23.97 -0.68
CA TRP D 96 6.78 25.35 -0.25
C TRP D 96 7.26 25.58 1.19
N ARG D 97 7.08 24.60 2.08
CA ARG D 97 7.48 24.73 3.50
C ARG D 97 9.02 24.83 3.57
N SER D 98 9.75 24.03 2.77
CA SER D 98 11.22 24.05 2.77
C SER D 98 11.72 25.45 2.32
N ALA D 99 11.05 26.08 1.36
CA ALA D 99 11.41 27.46 0.91
C ALA D 99 11.12 28.47 2.05
N SER D 100 9.97 28.30 2.72
CA SER D 100 9.55 29.16 3.86
C SER D 100 10.59 29.11 4.98
N ALA D 101 11.20 27.96 5.18
CA ALA D 101 12.18 27.70 6.25
C ALA D 101 13.59 28.16 5.82
N GLY D 102 13.77 28.63 4.58
CA GLY D 102 15.06 29.17 4.07
C GLY D 102 16.00 28.11 3.53
N ALA D 103 15.49 26.96 3.08
CA ALA D 103 16.31 25.83 2.58
C ALA D 103 15.47 25.01 1.58
N GLU D 104 15.10 25.62 0.46
CA GLU D 104 14.19 24.98 -0.53
C GLU D 104 14.82 23.68 -1.08
N ILE D 105 14.07 22.58 -1.02
CA ILE D 105 14.45 21.30 -1.68
C ILE D 105 14.72 21.59 -3.17
N GLY D 106 15.87 21.11 -3.65
CA GLY D 106 16.28 21.24 -5.05
C GLY D 106 17.13 22.49 -5.30
N SER D 107 17.12 23.46 -4.40
CA SER D 107 17.95 24.69 -4.51
C SER D 107 19.43 24.36 -4.23
N VAL D 108 20.35 25.13 -4.82
CA VAL D 108 21.82 24.93 -4.70
C VAL D 108 22.31 25.56 -3.40
N GLY D 109 23.00 24.77 -2.59
CA GLY D 109 23.68 25.24 -1.37
C GLY D 109 25.12 24.73 -1.35
N PRO D 110 25.81 24.91 -0.22
CA PRO D 110 27.19 24.45 -0.06
C PRO D 110 27.43 22.95 -0.34
N CYS D 111 26.40 22.09 -0.25
CA CYS D 111 26.58 20.63 -0.43
C CYS D 111 25.78 20.14 -1.66
N GLY D 112 25.57 21.00 -2.65
CA GLY D 112 24.80 20.69 -3.88
C GLY D 112 23.33 21.00 -3.71
N ARG D 113 22.47 20.37 -4.51
CA ARG D 113 21.01 20.58 -4.45
C ARG D 113 20.46 19.88 -3.20
N ILE D 114 19.73 20.64 -2.38
CA ILE D 114 19.20 20.21 -1.05
C ILE D 114 18.24 19.02 -1.24
N LEU D 115 18.51 17.92 -0.54
CA LEU D 115 17.71 16.65 -0.48
C LEU D 115 17.47 16.07 -1.89
N VAL D 116 18.45 16.22 -2.79
CA VAL D 116 18.35 15.59 -4.14
C VAL D 116 19.29 14.38 -4.21
N ARG D 117 18.78 13.26 -4.69
CA ARG D 117 19.54 11.99 -4.80
C ARG D 117 20.76 12.23 -5.70
N GLY D 118 21.91 11.73 -5.25
CA GLY D 118 23.20 11.85 -5.97
C GLY D 118 24.07 13.03 -5.51
N GLU D 119 23.54 13.93 -4.69
CA GLU D 119 24.25 15.17 -4.25
C GLU D 119 25.08 14.87 -3.00
N PRO D 120 26.19 15.61 -2.78
CA PRO D 120 27.03 15.40 -1.60
C PRO D 120 26.31 15.44 -0.24
N GLY D 121 25.38 16.39 -0.06
CA GLY D 121 24.61 16.54 1.20
C GLY D 121 23.70 15.34 1.48
N TRP D 122 23.35 14.59 0.44
CA TRP D 122 22.40 13.44 0.53
C TRP D 122 23.11 12.14 0.89
N GLU D 123 24.44 12.02 0.69
CA GLU D 123 25.16 10.75 0.95
C GLU D 123 25.09 10.37 2.43
N ILE D 124 25.12 9.07 2.71
CA ILE D 124 25.27 8.54 4.08
C ILE D 124 26.68 8.92 4.56
N VAL D 125 26.80 9.43 5.77
CA VAL D 125 28.13 9.82 6.34
C VAL D 125 28.99 8.58 6.56
N PRO D 126 30.32 8.68 6.39
CA PRO D 126 31.16 7.47 6.42
C PRO D 126 31.26 6.71 7.75
N GLU D 127 31.03 7.35 8.90
CA GLU D 127 31.03 6.71 10.24
C GLU D 127 30.08 5.52 10.30
N VAL D 128 29.02 5.51 9.48
CA VAL D 128 28.02 4.40 9.44
C VAL D 128 27.80 3.95 7.99
N ALA D 129 28.87 3.87 7.19
CA ALA D 129 28.80 3.44 5.77
C ALA D 129 28.21 2.05 5.66
N PRO D 130 27.28 1.83 4.70
CA PRO D 130 26.78 0.49 4.43
C PRO D 130 27.89 -0.43 3.89
N ARG D 131 27.69 -1.73 4.08
CA ARG D 131 28.47 -2.82 3.44
C ARG D 131 27.56 -3.55 2.43
N GLU D 132 28.16 -4.29 1.51
CA GLU D 132 27.41 -5.17 0.61
C GLU D 132 26.52 -6.10 1.44
N GLY D 133 25.25 -6.28 1.02
CA GLY D 133 24.31 -7.17 1.72
C GLY D 133 23.44 -6.40 2.70
N GLU D 134 23.59 -5.07 2.79
CA GLU D 134 22.83 -4.20 3.74
C GLU D 134 22.02 -3.22 2.90
N PRO D 135 20.76 -3.55 2.53
CA PRO D 135 20.05 -2.75 1.54
C PRO D 135 19.83 -1.31 2.00
N ILE D 136 19.87 -0.39 1.05
CA ILE D 136 19.56 1.06 1.25
C ILE D 136 18.18 1.38 0.66
N ILE D 137 17.35 2.03 1.48
CA ILE D 137 16.01 2.57 1.10
C ILE D 137 16.16 4.03 0.73
N ASP D 138 15.70 4.41 -0.45
CA ASP D 138 15.57 5.83 -0.89
C ASP D 138 14.10 6.23 -0.74
N LYS D 139 13.80 7.04 0.30
CA LYS D 139 12.40 7.40 0.63
C LYS D 139 12.15 8.87 0.28
N PRO D 140 11.03 9.19 -0.38
CA PRO D 140 10.64 10.57 -0.66
C PRO D 140 9.85 11.23 0.48
N GLY D 141 9.47 10.43 1.47
CA GLY D 141 8.73 10.93 2.64
C GLY D 141 9.46 10.71 3.93
N LYS D 142 8.78 10.99 5.05
CA LYS D 142 9.35 10.81 6.41
C LYS D 142 9.34 9.33 6.78
N GLY D 143 8.24 8.61 6.52
CA GLY D 143 8.17 7.16 6.82
C GLY D 143 8.87 6.34 5.74
N ALA D 144 9.65 5.35 6.15
CA ALA D 144 10.49 4.56 5.22
C ALA D 144 9.65 3.54 4.45
N PHE D 145 8.38 3.29 4.80
CA PHE D 145 7.53 2.31 4.06
C PHE D 145 6.88 2.95 2.83
N TYR D 146 6.43 4.19 2.91
CA TYR D 146 5.61 4.83 1.87
C TYR D 146 6.42 5.05 0.57
N ALA D 147 5.91 4.52 -0.56
CA ALA D 147 6.48 4.70 -1.91
C ALA D 147 7.88 4.06 -2.01
N THR D 148 8.18 3.04 -1.22
CA THR D 148 9.45 2.24 -1.29
C THR D 148 9.14 0.74 -1.37
N ASP D 149 10.19 -0.07 -1.43
CA ASP D 149 10.14 -1.54 -1.40
C ASP D 149 10.50 -2.07 -0.01
N LEU D 150 10.49 -1.25 1.07
CA LEU D 150 10.96 -1.72 2.40
C LEU D 150 10.16 -2.96 2.84
N ASP D 151 8.83 -2.91 2.75
CA ASP D 151 8.02 -4.03 3.28
C ASP D 151 8.36 -5.30 2.49
N LEU D 152 8.55 -5.21 1.16
CA LEU D 152 8.98 -6.38 0.36
C LEU D 152 10.33 -6.91 0.87
N LEU D 153 11.32 -6.05 1.14
CA LEU D 153 12.65 -6.53 1.63
C LEU D 153 12.48 -7.25 2.96
N LEU D 154 11.70 -6.68 3.89
CA LEU D 154 11.54 -7.26 5.25
C LEU D 154 10.81 -8.62 5.17
N ARG D 155 9.73 -8.71 4.39
CA ARG D 155 8.92 -9.96 4.34
C ARG D 155 9.75 -11.06 3.64
N THR D 156 10.55 -10.72 2.63
CA THR D 156 11.37 -11.71 1.89
C THR D 156 12.39 -12.32 2.84
N ARG D 157 12.94 -11.54 3.77
CA ARG D 157 13.97 -12.02 4.76
C ARG D 157 13.32 -12.63 6.00
N GLY D 158 11.99 -12.60 6.17
CA GLY D 158 11.32 -13.15 7.36
C GLY D 158 11.55 -12.30 8.60
N ILE D 159 11.72 -10.99 8.45
CA ILE D 159 11.92 -10.06 9.60
C ILE D 159 10.59 -9.84 10.33
N THR D 160 10.62 -9.93 11.65
CA THR D 160 9.44 -9.68 12.55
C THR D 160 9.76 -8.58 13.57
N HIS D 161 11.03 -8.30 13.84
CA HIS D 161 11.51 -7.39 14.93
C HIS D 161 12.44 -6.32 14.35
N LEU D 162 12.30 -5.05 14.74
CA LEU D 162 13.13 -3.94 14.25
C LEU D 162 13.78 -3.23 15.44
N ILE D 163 15.04 -2.83 15.27
CA ILE D 163 15.77 -1.95 16.21
C ILE D 163 16.08 -0.66 15.46
N LEU D 164 15.63 0.48 15.98
CA LEU D 164 15.65 1.76 15.23
C LEU D 164 16.70 2.72 15.80
N THR D 165 17.51 3.26 14.90
CA THR D 165 18.49 4.34 15.13
C THR D 165 18.33 5.36 14.01
N GLY D 166 18.88 6.56 14.21
CA GLY D 166 18.92 7.61 13.19
C GLY D 166 18.11 8.83 13.58
N ILE D 167 17.78 9.66 12.62
CA ILE D 167 17.38 11.07 12.89
C ILE D 167 16.30 11.48 11.89
N THR D 168 15.35 12.32 12.34
CA THR D 168 15.21 12.78 13.71
C THR D 168 14.19 11.92 14.48
N THR D 169 14.29 11.91 15.81
CA THR D 169 13.51 11.04 16.70
C THR D 169 12.01 11.22 16.43
N ASP D 170 11.60 12.48 16.30
CA ASP D 170 10.17 12.88 16.26
C ASP D 170 9.63 12.88 14.82
N VAL D 171 10.48 12.88 13.79
CA VAL D 171 10.00 12.98 12.37
C VAL D 171 10.22 11.62 11.68
N SER D 172 11.35 11.40 10.99
CA SER D 172 11.55 10.17 10.18
C SER D 172 11.55 8.91 11.05
N VAL D 173 12.19 8.92 12.21
CA VAL D 173 12.31 7.69 13.04
C VAL D 173 10.91 7.32 13.57
N HIS D 174 10.23 8.28 14.19
CA HIS D 174 8.87 8.03 14.73
C HIS D 174 7.91 7.59 13.61
N THR D 175 7.93 8.23 12.44
CA THR D 175 6.98 7.89 11.37
C THR D 175 7.21 6.43 10.96
N THR D 176 8.48 6.02 10.80
CA THR D 176 8.86 4.63 10.42
C THR D 176 8.41 3.65 11.50
N MET D 177 8.59 4.00 12.78
CA MET D 177 8.20 3.13 13.92
C MET D 177 6.66 2.93 13.89
N ARG D 178 5.92 4.00 13.66
CA ARG D 178 4.42 3.95 13.68
C ARG D 178 3.93 3.08 12.53
N GLU D 179 4.51 3.23 11.34
CA GLU D 179 4.19 2.44 10.11
C GLU D 179 4.45 0.94 10.39
N ALA D 180 5.64 0.60 10.90
CA ALA D 180 6.05 -0.79 11.17
C ALA D 180 5.10 -1.40 12.23
N ASN D 181 4.87 -0.67 13.30
CA ASN D 181 4.03 -1.15 14.43
C ASN D 181 2.61 -1.48 13.95
N ASP D 182 2.01 -0.69 13.06
CA ASP D 182 0.62 -0.94 12.59
C ASP D 182 0.56 -2.26 11.81
N ARG D 183 1.66 -2.65 11.16
CA ARG D 183 1.74 -3.90 10.36
C ARG D 183 2.01 -5.09 11.28
N GLY D 184 2.33 -4.84 12.54
CA GLY D 184 2.58 -5.89 13.57
C GLY D 184 4.06 -6.17 13.82
N TYR D 185 5.00 -5.42 13.23
CA TYR D 185 6.43 -5.52 13.59
C TYR D 185 6.59 -5.11 15.06
N GLU D 186 7.52 -5.77 15.77
CA GLU D 186 7.88 -5.49 17.17
C GLU D 186 9.13 -4.61 17.19
N CYS D 187 9.02 -3.37 17.68
CA CYS D 187 10.05 -2.31 17.48
C CYS D 187 10.65 -1.83 18.82
N LEU D 188 11.96 -1.61 18.80
CA LEU D 188 12.77 -0.98 19.89
C LEU D 188 13.41 0.28 19.32
N ILE D 189 13.30 1.40 20.03
CA ILE D 189 13.96 2.67 19.64
C ILE D 189 15.07 2.94 20.67
N LEU D 190 16.29 3.22 20.19
CA LEU D 190 17.46 3.49 21.06
C LEU D 190 17.57 4.99 21.36
N SER D 191 17.52 5.35 22.64
CA SER D 191 17.46 6.74 23.16
C SER D 191 18.73 7.54 22.87
N ASP D 192 19.90 6.87 22.89
CA ASP D 192 21.21 7.55 22.70
C ASP D 192 21.68 7.49 21.24
N CYS D 193 20.96 6.78 20.37
CA CYS D 193 21.28 6.60 18.93
C CYS D 193 20.30 7.35 18.00
N THR D 194 19.52 8.27 18.57
CA THR D 194 18.54 9.13 17.88
C THR D 194 18.74 10.56 18.40
N GLY D 195 18.13 11.53 17.77
CA GLY D 195 18.19 12.94 18.19
C GLY D 195 17.23 13.77 17.36
N ALA D 196 16.88 14.99 17.83
CA ALA D 196 15.92 15.87 17.17
C ALA D 196 16.41 17.32 17.11
N THR D 197 15.70 18.17 16.36
CA THR D 197 16.00 19.63 16.25
C THR D 197 15.71 20.35 17.57
N ASP D 198 15.00 19.71 18.50
CA ASP D 198 14.64 20.26 19.84
C ASP D 198 14.74 19.14 20.88
N ARG D 199 15.52 19.34 21.94
CA ARG D 199 15.73 18.28 22.97
C ARG D 199 14.40 17.89 23.62
N LYS D 200 13.49 18.84 23.84
CA LYS D 200 12.17 18.55 24.47
C LYS D 200 11.38 17.60 23.55
N HIS D 201 11.44 17.80 22.24
CA HIS D 201 10.78 16.90 21.24
C HIS D 201 11.41 15.51 21.24
N HIS D 202 12.73 15.40 21.32
CA HIS D 202 13.44 14.10 21.47
C HIS D 202 12.88 13.37 22.70
N GLU D 203 12.85 14.03 23.85
CA GLU D 203 12.43 13.38 25.12
C GLU D 203 10.94 12.99 25.03
N ALA D 204 10.09 13.86 24.50
CA ALA D 204 8.63 13.61 24.38
C ALA D 204 8.39 12.44 23.40
N ALA D 205 9.13 12.40 22.29
CA ALA D 205 8.99 11.31 21.30
C ALA D 205 9.28 9.97 21.98
N LEU D 206 10.31 9.88 22.84
CA LEU D 206 10.63 8.61 23.54
C LEU D 206 9.52 8.27 24.56
N SER D 207 9.05 9.22 25.37
CA SER D 207 8.04 8.93 26.42
C SER D 207 6.69 8.56 25.77
N MET D 208 6.35 9.10 24.59
CA MET D 208 5.11 8.72 23.84
C MET D 208 5.05 7.21 23.59
N VAL D 209 6.19 6.59 23.30
CA VAL D 209 6.26 5.14 22.99
C VAL D 209 5.77 4.30 24.18
N THR D 210 6.02 4.78 25.40
CA THR D 210 5.99 3.98 26.65
C THR D 210 4.57 3.89 27.24
N MET D 211 3.62 4.66 26.73
CA MET D 211 2.25 4.69 27.31
C MET D 211 1.46 3.42 26.95
N GLN D 212 0.38 3.13 27.68
CA GLN D 212 -0.60 2.06 27.34
C GLN D 212 0.12 0.70 27.24
N GLY D 213 1.14 0.46 28.07
CA GLY D 213 1.87 -0.83 28.06
C GLY D 213 2.92 -0.90 26.97
N GLY D 214 3.20 0.23 26.30
CA GLY D 214 4.18 0.30 25.20
C GLY D 214 3.48 0.37 23.85
N VAL D 215 2.77 1.46 23.63
CA VAL D 215 1.79 1.58 22.50
C VAL D 215 2.53 1.43 21.16
N PHE D 216 3.78 1.89 21.02
CA PHE D 216 4.55 1.77 19.74
C PHE D 216 5.70 0.75 19.85
N GLY D 217 5.89 0.12 21.00
CA GLY D 217 7.05 -0.73 21.28
C GLY D 217 7.67 -0.31 22.60
N ALA D 218 9.00 -0.31 22.66
CA ALA D 218 9.75 0.05 23.89
C ALA D 218 10.97 0.91 23.52
N THR D 219 11.54 1.57 24.54
CA THR D 219 12.77 2.38 24.44
C THR D 219 13.88 1.72 25.24
N ALA D 220 15.12 1.97 24.83
CA ALA D 220 16.29 1.48 25.59
C ALA D 220 17.52 2.32 25.26
N HIS D 221 18.51 2.29 26.16
CA HIS D 221 19.87 2.82 25.92
C HIS D 221 20.67 1.74 25.18
N SER D 222 21.57 2.11 24.27
CA SER D 222 22.43 1.13 23.55
C SER D 222 23.18 0.24 24.56
N ASP D 223 23.54 0.75 25.75
CA ASP D 223 24.21 -0.10 26.78
C ASP D 223 23.35 -1.35 27.09
N ASP D 224 22.03 -1.18 27.18
CA ASP D 224 21.09 -2.26 27.58
C ASP D 224 21.00 -3.28 26.42
N LEU D 225 21.03 -2.81 25.16
CA LEU D 225 21.00 -3.70 23.97
C LEU D 225 22.32 -4.50 23.95
N LEU D 226 23.46 -3.82 24.05
CA LEU D 226 24.80 -4.48 24.00
C LEU D 226 24.92 -5.52 25.13
N ALA D 227 24.36 -5.28 26.32
CA ALA D 227 24.34 -6.26 27.44
C ALA D 227 23.56 -7.52 27.03
N ALA D 228 22.39 -7.37 26.40
CA ALA D 228 21.55 -8.51 25.95
C ALA D 228 22.28 -9.31 24.86
N LEU D 229 23.04 -8.66 23.99
CA LEU D 229 23.74 -9.27 22.83
C LEU D 229 25.06 -9.92 23.30
N GLY D 230 25.39 -9.81 24.58
CA GLY D 230 26.48 -10.58 25.23
C GLY D 230 25.96 -11.63 26.19
N THR D 231 24.69 -12.05 26.05
CA THR D 231 23.99 -12.97 26.98
C THR D 231 23.06 -13.88 26.17
N THR D 232 23.62 -14.96 25.63
CA THR D 232 22.90 -16.13 25.04
C THR D 232 22.11 -16.84 26.15
N VAL D 233 21.09 -17.63 25.79
CA VAL D 233 20.14 -18.27 26.76
C VAL D 233 20.06 -19.77 26.45
#